data_5NWW
#
_entry.id   5NWW
#
_entity_poly.entity_id   1
_entity_poly.type   'polypeptide(L)'
_entity_poly.pdbx_seq_one_letter_code
;GIGAFGLLGFLAAGSKK(ACA)KNEQELLELDKWASLWN
;
_entity_poly.pdbx_strand_id   A
#
# COMPACT_ATOMS: atom_id res chain seq x y z
N GLY A 1 -14.54 -12.09 -8.91
CA GLY A 1 -15.26 -10.96 -9.47
C GLY A 1 -14.41 -9.68 -9.40
N ILE A 2 -14.31 -9.14 -8.19
CA ILE A 2 -13.54 -7.93 -7.98
C ILE A 2 -12.69 -8.09 -6.72
N GLY A 3 -12.38 -9.33 -6.41
CA GLY A 3 -11.57 -9.64 -5.25
C GLY A 3 -10.24 -10.26 -5.65
N ALA A 4 -10.32 -11.43 -6.26
CA ALA A 4 -9.13 -12.14 -6.71
C ALA A 4 -8.40 -11.29 -7.75
N PHE A 5 -9.16 -10.88 -8.76
CA PHE A 5 -8.60 -10.07 -9.83
C PHE A 5 -8.24 -8.67 -9.33
N GLY A 6 -8.79 -8.33 -8.17
CA GLY A 6 -8.53 -7.03 -7.58
C GLY A 6 -7.26 -7.05 -6.73
N LEU A 7 -6.89 -8.26 -6.31
CA LEU A 7 -5.71 -8.44 -5.49
C LEU A 7 -4.46 -8.18 -6.35
N LEU A 8 -4.70 -8.09 -7.65
CA LEU A 8 -3.61 -7.84 -8.59
C LEU A 8 -3.15 -6.39 -8.47
N GLY A 9 -4.01 -5.58 -7.87
CA GLY A 9 -3.70 -4.17 -7.69
C GLY A 9 -4.45 -3.60 -6.48
N PHE A 10 -4.54 -4.41 -5.44
CA PHE A 10 -5.22 -4.00 -4.22
C PHE A 10 -4.36 -3.04 -3.41
N LEU A 11 -3.10 -3.42 -3.22
CA LEU A 11 -2.17 -2.61 -2.47
C LEU A 11 -1.88 -1.32 -3.24
N ALA A 12 -1.66 -1.49 -4.54
CA ALA A 12 -1.37 -0.36 -5.40
C ALA A 12 -2.54 0.63 -5.34
N ALA A 13 -3.72 0.09 -5.10
CA ALA A 13 -4.92 0.91 -5.02
C ALA A 13 -4.81 1.85 -3.81
N GLY A 14 -4.34 1.28 -2.70
CA GLY A 14 -4.18 2.04 -1.49
C GLY A 14 -3.40 3.33 -1.74
N SER A 15 -2.46 3.24 -2.67
CA SER A 15 -1.64 4.38 -3.03
C SER A 15 -2.39 5.30 -3.99
N LYS A 16 -3.12 4.66 -4.91
CA LYS A 16 -3.89 5.39 -5.89
C LYS A 16 -4.89 6.30 -5.18
N LYS A 17 -5.28 5.89 -3.98
CA LYS A 17 -6.23 6.65 -3.19
C LYS A 17 -5.46 7.51 -2.17
N LYS A 19 0.82 7.07 2.68
CA LYS A 19 0.84 8.12 3.68
C LYS A 19 2.11 8.01 4.53
N ASN A 20 1.96 7.40 5.70
CA ASN A 20 3.08 7.21 6.59
C ASN A 20 4.28 6.68 5.81
N GLU A 21 5.46 7.04 6.28
CA GLU A 21 6.69 6.61 5.64
C GLU A 21 6.88 5.10 5.82
N GLN A 22 6.34 4.59 6.92
CA GLN A 22 6.44 3.18 7.22
C GLN A 22 6.17 2.35 5.96
N GLU A 23 5.14 2.75 5.24
CA GLU A 23 4.76 2.06 4.02
C GLU A 23 5.90 2.09 3.01
N LEU A 24 6.52 3.27 2.91
CA LEU A 24 7.63 3.45 1.98
C LEU A 24 8.71 2.41 2.28
N LEU A 25 9.15 2.41 3.53
CA LEU A 25 10.18 1.46 3.96
C LEU A 25 9.69 0.04 3.72
N GLU A 26 8.38 -0.13 3.78
CA GLU A 26 7.77 -1.43 3.57
C GLU A 26 8.10 -1.94 2.16
N LEU A 27 7.95 -1.05 1.20
CA LEU A 27 8.21 -1.40 -0.19
C LEU A 27 9.73 -1.36 -0.44
N ASP A 28 10.40 -0.52 0.34
CA ASP A 28 11.84 -0.39 0.21
C ASP A 28 12.50 -1.73 0.54
N LYS A 29 11.76 -2.57 1.26
CA LYS A 29 12.27 -3.87 1.65
C LYS A 29 12.17 -4.82 0.46
N TRP A 30 11.66 -4.29 -0.65
CA TRP A 30 11.51 -5.09 -1.85
C TRP A 30 12.76 -5.94 -2.02
N ALA A 31 13.91 -5.27 -2.00
CA ALA A 31 15.18 -5.94 -2.14
C ALA A 31 15.37 -6.93 -0.99
N SER A 32 15.13 -6.44 0.22
CA SER A 32 15.27 -7.25 1.40
C SER A 32 14.59 -8.61 1.19
N LEU A 33 13.60 -8.60 0.31
CA LEU A 33 12.85 -9.82 0.00
C LEU A 33 13.83 -10.89 -0.46
N TRP A 34 14.53 -10.60 -1.54
CA TRP A 34 15.49 -11.54 -2.10
C TRP A 34 16.86 -11.20 -1.50
N ASN A 35 17.29 -9.98 -1.73
CA ASN A 35 18.58 -9.51 -1.23
C ASN A 35 19.61 -10.62 -1.43
N GLY A 1 -14.51 -17.21 -5.89
CA GLY A 1 -14.31 -16.05 -6.74
C GLY A 1 -12.82 -15.80 -6.98
N ILE A 2 -12.52 -15.21 -8.13
CA ILE A 2 -11.15 -14.91 -8.48
C ILE A 2 -10.64 -13.76 -7.61
N GLY A 3 -10.89 -12.55 -8.07
CA GLY A 3 -10.45 -11.37 -7.35
C GLY A 3 -11.61 -10.38 -7.16
N ALA A 4 -11.96 -10.15 -5.91
CA ALA A 4 -13.05 -9.23 -5.59
C ALA A 4 -12.89 -7.96 -6.41
N PHE A 5 -11.94 -7.13 -5.98
CA PHE A 5 -11.68 -5.87 -6.67
C PHE A 5 -10.52 -6.02 -7.65
N GLY A 6 -9.36 -6.35 -7.11
CA GLY A 6 -8.17 -6.52 -7.93
C GLY A 6 -6.97 -6.90 -7.06
N LEU A 7 -6.85 -8.19 -6.80
CA LEU A 7 -5.74 -8.69 -6.00
C LEU A 7 -4.42 -8.43 -6.73
N LEU A 8 -4.54 -8.15 -8.01
CA LEU A 8 -3.37 -7.88 -8.83
C LEU A 8 -2.78 -6.53 -8.45
N GLY A 9 -3.55 -5.78 -7.68
CA GLY A 9 -3.12 -4.46 -7.24
C GLY A 9 -3.92 -3.99 -6.03
N PHE A 10 -4.19 -4.94 -5.13
CA PHE A 10 -4.94 -4.63 -3.94
C PHE A 10 -4.32 -3.46 -3.16
N LEU A 11 -2.99 -3.47 -3.14
CA LEU A 11 -2.25 -2.43 -2.43
C LEU A 11 -2.28 -1.15 -3.27
N ALA A 12 -2.12 -1.34 -4.58
CA ALA A 12 -2.11 -0.21 -5.50
C ALA A 12 -3.34 0.67 -5.23
N ALA A 13 -4.39 0.03 -4.73
CA ALA A 13 -5.62 0.74 -4.43
C ALA A 13 -5.31 1.89 -3.46
N GLY A 14 -4.49 1.59 -2.47
CA GLY A 14 -4.11 2.57 -1.49
C GLY A 14 -3.17 3.62 -2.08
N SER A 15 -2.27 3.14 -2.93
CA SER A 15 -1.32 4.02 -3.58
C SER A 15 -1.95 4.70 -4.78
N LYS A 16 -3.25 4.45 -4.94
CA LYS A 16 -3.99 5.04 -6.05
C LYS A 16 -3.81 6.55 -6.04
N LYS A 17 -3.42 7.06 -4.88
CA LYS A 17 -3.21 8.49 -4.73
C LYS A 17 -1.71 8.77 -4.67
N LYS A 19 3.85 12.76 0.47
CA LYS A 19 4.25 14.04 -0.08
C LYS A 19 5.78 14.15 -0.06
N ASN A 20 6.30 14.47 1.11
CA ASN A 20 7.73 14.61 1.27
C ASN A 20 8.22 13.62 2.34
N GLU A 21 9.51 13.71 2.63
CA GLU A 21 10.11 12.83 3.63
C GLU A 21 9.73 13.30 5.04
N GLN A 22 9.52 14.60 5.17
CA GLN A 22 9.15 15.17 6.45
C GLN A 22 8.07 14.33 7.12
N GLU A 23 7.02 14.06 6.35
CA GLU A 23 5.91 13.27 6.87
C GLU A 23 6.43 11.97 7.49
N LEU A 24 7.33 11.32 6.75
CA LEU A 24 7.91 10.07 7.21
C LEU A 24 8.33 10.22 8.67
N LEU A 25 9.17 11.22 8.91
CA LEU A 25 9.67 11.48 10.26
C LEU A 25 8.48 11.62 11.21
N GLU A 26 7.43 12.26 10.71
CA GLU A 26 6.23 12.46 11.50
C GLU A 26 5.71 11.12 12.03
N LEU A 27 5.69 10.13 11.14
CA LEU A 27 5.22 8.81 11.51
C LEU A 27 6.33 8.07 12.27
N ASP A 28 7.56 8.45 11.97
CA ASP A 28 8.70 7.84 12.62
C ASP A 28 8.65 8.13 14.13
N LYS A 29 7.90 9.16 14.47
CA LYS A 29 7.76 9.56 15.86
C LYS A 29 6.76 8.62 16.55
N TRP A 30 6.24 7.68 15.77
CA TRP A 30 5.27 6.73 16.30
C TRP A 30 5.76 6.29 17.67
N ALA A 31 7.00 5.84 17.72
CA ALA A 31 7.58 5.38 18.97
C ALA A 31 7.73 6.56 19.93
N SER A 32 8.21 7.68 19.38
CA SER A 32 8.39 8.89 20.16
C SER A 32 7.17 9.13 21.05
N LEU A 33 6.03 8.64 20.56
CA LEU A 33 4.78 8.80 21.30
C LEU A 33 4.97 8.28 22.72
N TRP A 34 5.31 7.00 22.82
CA TRP A 34 5.51 6.38 24.11
C TRP A 34 7.02 6.43 24.43
N ASN A 35 7.81 5.87 23.54
CA ASN A 35 9.24 5.85 23.72
C ASN A 35 9.72 7.25 24.11
N GLY A 1 -16.31 -15.40 -4.50
CA GLY A 1 -15.53 -14.42 -5.22
C GLY A 1 -14.04 -14.55 -4.88
N ILE A 2 -13.23 -14.62 -5.93
CA ILE A 2 -11.79 -14.75 -5.76
C ILE A 2 -11.08 -13.72 -6.64
N GLY A 3 -10.38 -12.81 -5.98
CA GLY A 3 -9.66 -11.76 -6.68
C GLY A 3 -8.18 -12.13 -6.82
N ALA A 4 -7.93 -13.20 -7.57
CA ALA A 4 -6.57 -13.66 -7.80
C ALA A 4 -5.69 -12.45 -8.14
N PHE A 5 -5.93 -11.89 -9.32
CA PHE A 5 -5.17 -10.74 -9.77
C PHE A 5 -5.82 -9.43 -9.33
N GLY A 6 -6.95 -9.58 -8.65
CA GLY A 6 -7.68 -8.42 -8.17
C GLY A 6 -6.95 -7.75 -7.01
N LEU A 7 -6.39 -8.58 -6.14
CA LEU A 7 -5.65 -8.08 -4.99
C LEU A 7 -4.48 -7.22 -5.46
N LEU A 8 -3.98 -7.57 -6.63
CA LEU A 8 -2.86 -6.83 -7.21
C LEU A 8 -3.27 -5.38 -7.45
N GLY A 9 -4.57 -5.20 -7.66
CA GLY A 9 -5.10 -3.87 -7.90
C GLY A 9 -5.50 -3.19 -6.59
N PHE A 10 -5.75 -4.01 -5.59
CA PHE A 10 -6.13 -3.51 -4.28
C PHE A 10 -5.00 -2.68 -3.66
N LEU A 11 -3.78 -3.20 -3.79
CA LEU A 11 -2.62 -2.51 -3.25
C LEU A 11 -2.32 -1.29 -4.10
N ALA A 12 -2.32 -1.49 -5.42
CA ALA A 12 -2.04 -0.41 -6.35
C ALA A 12 -2.93 0.78 -6.01
N ALA A 13 -4.08 0.48 -5.42
CA ALA A 13 -5.02 1.52 -5.04
C ALA A 13 -4.61 2.10 -3.69
N GLY A 14 -4.24 1.21 -2.78
CA GLY A 14 -3.82 1.61 -1.45
C GLY A 14 -2.61 2.55 -1.51
N SER A 15 -1.76 2.29 -2.49
CA SER A 15 -0.57 3.10 -2.67
C SER A 15 -0.95 4.57 -2.89
N LYS A 16 -2.22 4.77 -3.21
CA LYS A 16 -2.73 6.11 -3.45
C LYS A 16 -2.83 6.85 -2.12
N LYS A 17 -3.50 6.21 -1.17
CA LYS A 17 -3.68 6.79 0.14
C LYS A 17 -3.09 5.86 1.20
N LYS A 19 -6.23 3.21 8.46
CA LYS A 19 -6.98 3.67 9.61
C LYS A 19 -6.63 2.82 10.83
N ASN A 20 -7.42 1.77 11.03
CA ASN A 20 -7.20 0.87 12.14
C ASN A 20 -5.75 0.38 12.13
N GLU A 21 -5.23 0.11 13.32
CA GLU A 21 -3.87 -0.37 13.45
C GLU A 21 -3.74 -1.78 12.87
N GLN A 22 -4.82 -2.53 12.98
CA GLN A 22 -4.85 -3.89 12.47
C GLN A 22 -4.22 -3.95 11.07
N GLU A 23 -4.79 -3.16 10.17
CA GLU A 23 -4.29 -3.12 8.80
C GLU A 23 -2.77 -2.96 8.80
N LEU A 24 -2.29 -2.13 9.71
CA LEU A 24 -0.86 -1.89 9.82
C LEU A 24 -0.14 -3.21 10.08
N LEU A 25 -0.63 -3.92 11.09
CA LEU A 25 -0.04 -5.20 11.45
C LEU A 25 -0.32 -6.22 10.35
N GLU A 26 -1.20 -5.82 9.43
CA GLU A 26 -1.57 -6.69 8.33
C GLU A 26 -0.43 -6.76 7.30
N LEU A 27 0.18 -5.60 7.07
CA LEU A 27 1.29 -5.51 6.12
C LEU A 27 2.56 -6.05 6.77
N ASP A 28 2.61 -5.93 8.09
CA ASP A 28 3.76 -6.41 8.84
C ASP A 28 3.89 -7.92 8.66
N LYS A 29 2.79 -8.54 8.27
CA LYS A 29 2.76 -9.97 8.07
C LYS A 29 3.41 -10.30 6.72
N TRP A 30 3.83 -9.25 6.03
CA TRP A 30 4.46 -9.41 4.73
C TRP A 30 5.41 -10.60 4.80
N ALA A 31 6.25 -10.58 5.82
CA ALA A 31 7.22 -11.65 6.02
C ALA A 31 6.47 -12.95 6.33
N SER A 32 5.55 -12.85 7.28
CA SER A 32 4.76 -14.01 7.67
C SER A 32 4.32 -14.79 6.43
N LEU A 33 4.19 -14.06 5.33
CA LEU A 33 3.77 -14.67 4.08
C LEU A 33 4.65 -15.90 3.80
N TRP A 34 5.95 -15.65 3.76
CA TRP A 34 6.90 -16.72 3.50
C TRP A 34 7.45 -17.20 4.85
N ASN A 35 8.02 -16.24 5.58
CA ASN A 35 8.58 -16.55 6.89
C ASN A 35 7.48 -17.11 7.80
N GLY A 1 -12.46 -15.73 -3.72
CA GLY A 1 -11.60 -16.64 -4.46
C GLY A 1 -10.14 -16.17 -4.40
N ILE A 2 -9.33 -16.79 -5.23
CA ILE A 2 -7.92 -16.46 -5.28
C ILE A 2 -7.63 -15.61 -6.52
N GLY A 3 -7.84 -14.31 -6.37
CA GLY A 3 -7.62 -13.38 -7.46
C GLY A 3 -6.32 -12.59 -7.26
N ALA A 4 -5.21 -13.26 -7.55
CA ALA A 4 -3.91 -12.63 -7.40
C ALA A 4 -3.86 -11.35 -8.25
N PHE A 5 -4.68 -11.35 -9.29
CA PHE A 5 -4.74 -10.21 -10.19
C PHE A 5 -5.65 -9.12 -9.62
N GLY A 6 -6.71 -9.56 -8.97
CA GLY A 6 -7.67 -8.64 -8.37
C GLY A 6 -7.10 -7.99 -7.12
N LEU A 7 -6.24 -8.74 -6.43
CA LEU A 7 -5.63 -8.24 -5.21
C LEU A 7 -4.46 -7.31 -5.58
N LEU A 8 -3.98 -7.48 -6.80
CA LEU A 8 -2.88 -6.67 -7.29
C LEU A 8 -3.33 -5.21 -7.39
N GLY A 9 -4.63 -5.05 -7.59
CA GLY A 9 -5.20 -3.72 -7.71
C GLY A 9 -5.51 -3.13 -6.33
N PHE A 10 -5.85 -4.00 -5.40
CA PHE A 10 -6.17 -3.58 -4.05
C PHE A 10 -5.00 -2.82 -3.43
N LEU A 11 -3.80 -3.33 -3.68
CA LEU A 11 -2.59 -2.72 -3.15
C LEU A 11 -2.30 -1.44 -3.93
N ALA A 12 -2.45 -1.53 -5.25
CA ALA A 12 -2.20 -0.40 -6.11
C ALA A 12 -3.08 0.77 -5.69
N ALA A 13 -4.28 0.43 -5.23
CA ALA A 13 -5.23 1.44 -4.79
C ALA A 13 -4.67 2.15 -3.55
N GLY A 14 -4.13 1.35 -2.64
CA GLY A 14 -3.55 1.88 -1.41
C GLY A 14 -2.34 2.78 -1.72
N SER A 15 -1.63 2.41 -2.77
CA SER A 15 -0.46 3.18 -3.17
C SER A 15 -0.84 4.63 -3.43
N LYS A 16 -2.05 4.81 -3.94
CA LYS A 16 -2.54 6.14 -4.23
C LYS A 16 -2.63 6.95 -2.94
N LYS A 17 -3.45 6.45 -2.02
CA LYS A 17 -3.63 7.12 -0.74
C LYS A 17 -3.44 6.10 0.39
N LYS A 19 -10.43 2.15 1.94
CA LYS A 19 -11.30 2.90 1.06
C LYS A 19 -12.30 3.71 1.88
N ASN A 20 -13.47 3.92 1.29
CA ASN A 20 -14.51 4.68 1.96
C ASN A 20 -14.83 4.01 3.30
N GLU A 21 -15.31 4.83 4.23
CA GLU A 21 -15.67 4.34 5.55
C GLU A 21 -16.70 3.23 5.45
N GLN A 22 -17.43 3.26 4.33
CA GLN A 22 -18.47 2.26 4.09
C GLN A 22 -17.94 0.86 4.43
N GLU A 23 -16.80 0.52 3.84
CA GLU A 23 -16.19 -0.77 4.07
C GLU A 23 -16.10 -1.05 5.57
N LEU A 24 -15.62 -0.06 6.30
CA LEU A 24 -15.46 -0.19 7.75
C LEU A 24 -16.74 -0.79 8.32
N LEU A 25 -17.85 -0.09 8.10
CA LEU A 25 -19.14 -0.56 8.59
C LEU A 25 -19.37 -1.99 8.14
N GLU A 26 -18.94 -2.28 6.91
CA GLU A 26 -19.10 -3.60 6.35
C GLU A 26 -18.48 -4.65 7.28
N LEU A 27 -17.28 -4.33 7.75
CA LEU A 27 -16.57 -5.23 8.64
C LEU A 27 -17.16 -5.13 10.05
N ASP A 28 -17.72 -3.96 10.34
CA ASP A 28 -18.33 -3.72 11.64
C ASP A 28 -19.50 -4.68 11.83
N LYS A 29 -20.00 -5.18 10.71
CA LYS A 29 -21.12 -6.11 10.74
C LYS A 29 -20.62 -7.50 11.14
N TRP A 30 -19.31 -7.59 11.35
CA TRP A 30 -18.70 -8.84 11.73
C TRP A 30 -19.62 -9.53 12.76
N ALA A 31 -19.99 -8.76 13.76
CA ALA A 31 -20.87 -9.27 14.81
C ALA A 31 -22.23 -9.59 14.21
N SER A 32 -22.75 -8.63 13.45
CA SER A 32 -24.05 -8.80 12.83
C SER A 32 -24.17 -10.19 12.22
N LEU A 33 -23.02 -10.73 11.83
CA LEU A 33 -22.99 -12.06 11.24
C LEU A 33 -23.74 -13.04 12.14
N TRP A 34 -23.33 -13.08 13.40
CA TRP A 34 -23.95 -13.96 14.38
C TRP A 34 -24.92 -13.13 15.22
N ASN A 35 -24.38 -12.09 15.82
CA ASN A 35 -25.20 -11.21 16.65
C ASN A 35 -26.06 -12.05 17.59
N GLY A 1 -0.83 0.38 -11.53
CA GLY A 1 -1.52 1.02 -12.63
C GLY A 1 -3.04 0.95 -12.43
N ILE A 2 -3.58 -0.23 -12.67
CA ILE A 2 -5.01 -0.45 -12.52
C ILE A 2 -5.25 -1.80 -11.84
N GLY A 3 -6.47 -1.96 -11.35
CA GLY A 3 -6.85 -3.20 -10.67
C GLY A 3 -7.63 -4.12 -11.61
N ALA A 4 -6.96 -5.15 -12.09
CA ALA A 4 -7.57 -6.10 -12.99
C ALA A 4 -8.74 -6.78 -12.27
N PHE A 5 -8.40 -7.72 -11.41
CA PHE A 5 -9.41 -8.45 -10.66
C PHE A 5 -9.64 -7.81 -9.29
N GLY A 6 -8.59 -7.84 -8.48
CA GLY A 6 -8.67 -7.26 -7.14
C GLY A 6 -7.31 -7.33 -6.44
N LEU A 7 -6.74 -8.52 -6.42
CA LEU A 7 -5.45 -8.73 -5.80
C LEU A 7 -4.34 -8.33 -6.77
N LEU A 8 -4.74 -8.12 -8.02
CA LEU A 8 -3.80 -7.74 -9.05
C LEU A 8 -3.20 -6.37 -8.70
N GLY A 9 -3.87 -5.67 -7.81
CA GLY A 9 -3.42 -4.35 -7.38
C GLY A 9 -4.28 -3.81 -6.25
N PHE A 10 -4.41 -4.62 -5.20
CA PHE A 10 -5.21 -4.23 -4.05
C PHE A 10 -4.49 -3.18 -3.22
N LEU A 11 -3.18 -3.35 -3.10
CA LEU A 11 -2.37 -2.42 -2.33
C LEU A 11 -2.17 -1.14 -3.13
N ALA A 12 -1.87 -1.33 -4.42
CA ALA A 12 -1.65 -0.20 -5.30
C ALA A 12 -2.86 0.74 -5.24
N ALA A 13 -4.01 0.14 -4.98
CA ALA A 13 -5.24 0.91 -4.88
C ALA A 13 -5.08 2.01 -3.83
N GLY A 14 -4.48 1.63 -2.70
CA GLY A 14 -4.26 2.56 -1.62
C GLY A 14 -3.20 3.60 -2.00
N SER A 15 -2.22 3.15 -2.75
CA SER A 15 -1.15 4.03 -3.20
C SER A 15 -1.72 5.18 -4.02
N LYS A 16 -2.95 4.99 -4.47
CA LYS A 16 -3.62 6.00 -5.27
C LYS A 16 -3.79 7.28 -4.43
N LYS A 17 -4.16 7.08 -3.18
CA LYS A 17 -4.35 8.20 -2.27
C LYS A 17 -3.20 8.23 -1.26
N LYS A 19 -1.20 3.99 5.96
CA LYS A 19 -2.29 3.83 6.91
C LYS A 19 -1.73 3.42 8.27
N ASN A 20 -1.22 2.19 8.32
CA ASN A 20 -0.64 1.67 9.55
C ASN A 20 0.86 1.95 9.57
N GLU A 21 1.38 2.14 10.77
CA GLU A 21 2.80 2.42 10.94
C GLU A 21 3.64 1.34 10.26
N GLN A 22 3.16 0.11 10.38
CA GLN A 22 3.85 -1.02 9.77
C GLN A 22 4.33 -0.66 8.35
N GLU A 23 3.38 -0.22 7.55
CA GLU A 23 3.68 0.15 6.17
C GLU A 23 4.93 1.04 6.13
N LEU A 24 4.99 1.95 7.09
CA LEU A 24 6.13 2.87 7.17
C LEU A 24 7.39 2.07 7.47
N LEU A 25 7.28 1.18 8.44
CA LEU A 25 8.42 0.35 8.83
C LEU A 25 8.36 -0.97 8.07
N GLU A 26 7.74 -0.92 6.89
CA GLU A 26 7.61 -2.09 6.06
C GLU A 26 8.99 -2.62 5.67
N LEU A 27 9.88 -1.70 5.36
CA LEU A 27 11.22 -2.05 4.97
C LEU A 27 12.07 -2.31 6.23
N ASP A 28 11.68 -1.64 7.31
CA ASP A 28 12.38 -1.78 8.57
C ASP A 28 12.27 -3.23 9.05
N LYS A 29 11.27 -3.91 8.52
CA LYS A 29 11.03 -5.30 8.88
C LYS A 29 12.04 -6.19 8.13
N TRP A 30 12.86 -5.56 7.33
CA TRP A 30 13.86 -6.28 6.56
C TRP A 30 14.47 -7.34 7.45
N ALA A 31 14.94 -6.91 8.62
CA ALA A 31 15.54 -7.83 9.58
C ALA A 31 14.45 -8.72 10.18
N SER A 32 13.35 -8.09 10.54
CA SER A 32 12.23 -8.81 11.14
C SER A 32 11.99 -10.11 10.36
N LEU A 33 12.33 -10.08 9.09
CA LEU A 33 12.15 -11.23 8.23
C LEU A 33 12.80 -12.45 8.89
N TRP A 34 14.10 -12.33 9.12
CA TRP A 34 14.85 -13.41 9.75
C TRP A 34 14.94 -13.12 11.25
N ASN A 35 15.43 -11.93 11.56
CA ASN A 35 15.58 -11.52 12.94
C ASN A 35 14.19 -11.38 13.58
N GLY A 1 -13.38 1.84 -4.01
CA GLY A 1 -12.97 1.46 -5.34
C GLY A 1 -12.07 0.22 -5.30
N ILE A 2 -12.06 -0.51 -6.40
CA ILE A 2 -11.25 -1.72 -6.50
C ILE A 2 -10.38 -1.63 -7.75
N GLY A 3 -9.19 -2.20 -7.65
CA GLY A 3 -8.25 -2.21 -8.76
C GLY A 3 -8.85 -2.89 -9.99
N ALA A 4 -7.98 -3.41 -10.83
CA ALA A 4 -8.40 -4.09 -12.04
C ALA A 4 -9.29 -5.27 -11.66
N PHE A 5 -8.64 -6.34 -11.21
CA PHE A 5 -9.35 -7.55 -10.83
C PHE A 5 -9.62 -7.56 -9.32
N GLY A 6 -8.53 -7.59 -8.56
CA GLY A 6 -8.63 -7.59 -7.11
C GLY A 6 -7.26 -7.45 -6.45
N LEU A 7 -6.61 -8.59 -6.28
CA LEU A 7 -5.29 -8.61 -5.68
C LEU A 7 -4.25 -8.17 -6.72
N LEU A 8 -4.70 -8.07 -7.96
CA LEU A 8 -3.83 -7.67 -9.04
C LEU A 8 -3.25 -6.28 -8.73
N GLY A 9 -3.91 -5.60 -7.80
CA GLY A 9 -3.46 -4.27 -7.40
C GLY A 9 -4.31 -3.74 -6.25
N PHE A 10 -4.49 -4.59 -5.25
CA PHE A 10 -5.28 -4.23 -4.08
C PHE A 10 -4.56 -3.16 -3.25
N LEU A 11 -3.24 -3.33 -3.13
CA LEU A 11 -2.43 -2.40 -2.38
C LEU A 11 -2.24 -1.12 -3.20
N ALA A 12 -1.91 -1.31 -4.46
CA ALA A 12 -1.69 -0.18 -5.35
C ALA A 12 -2.91 0.75 -5.29
N ALA A 13 -4.05 0.15 -4.97
CA ALA A 13 -5.29 0.93 -4.87
C ALA A 13 -5.12 2.02 -3.82
N GLY A 14 -4.52 1.64 -2.70
CA GLY A 14 -4.30 2.57 -1.61
C GLY A 14 -3.24 3.61 -1.99
N SER A 15 -2.16 3.13 -2.57
CA SER A 15 -1.08 4.00 -2.98
C SER A 15 -1.39 4.63 -4.35
N LYS A 16 -2.60 4.34 -4.82
CA LYS A 16 -3.04 4.87 -6.09
C LYS A 16 -2.87 6.39 -6.11
N LYS A 17 -2.81 6.95 -4.91
CA LYS A 17 -2.64 8.39 -4.77
C LYS A 17 -1.23 8.69 -4.26
N LYS A 19 0.80 14.03 0.97
CA LYS A 19 0.33 14.72 2.16
C LYS A 19 -1.18 14.95 2.03
N ASN A 20 -1.62 16.08 2.57
CA ASN A 20 -3.04 16.43 2.52
C ASN A 20 -3.50 16.45 1.07
N GLU A 21 -4.77 16.10 0.89
CA GLU A 21 -5.35 16.08 -0.44
C GLU A 21 -5.27 17.46 -1.09
N GLN A 22 -5.38 18.48 -0.24
CA GLN A 22 -5.33 19.85 -0.71
C GLN A 22 -4.19 20.02 -1.73
N GLU A 23 -3.06 19.39 -1.41
CA GLU A 23 -1.89 19.47 -2.27
C GLU A 23 -2.27 19.06 -3.69
N LEU A 24 -3.07 18.01 -3.79
CA LEU A 24 -3.49 17.51 -5.08
C LEU A 24 -4.37 18.56 -5.76
N LEU A 25 -5.22 19.20 -4.96
CA LEU A 25 -6.11 20.22 -5.47
C LEU A 25 -5.45 21.59 -5.29
N GLU A 26 -4.14 21.57 -5.10
CA GLU A 26 -3.39 22.79 -4.91
C GLU A 26 -3.59 23.72 -6.11
N LEU A 27 -3.60 23.12 -7.29
CA LEU A 27 -3.80 23.88 -8.51
C LEU A 27 -5.29 24.14 -8.73
N ASP A 28 -6.09 23.22 -8.20
CA ASP A 28 -7.53 23.34 -8.33
C ASP A 28 -8.00 24.61 -7.62
N LYS A 29 -7.16 25.09 -6.71
CA LYS A 29 -7.47 26.30 -5.95
C LYS A 29 -7.21 27.52 -6.83
N TRP A 30 -6.76 27.26 -8.05
CA TRP A 30 -6.48 28.33 -8.99
C TRP A 30 -7.59 29.37 -8.87
N ALA A 31 -8.83 28.87 -8.92
CA ALA A 31 -9.98 29.75 -8.83
C ALA A 31 -10.11 30.26 -7.39
N SER A 32 -9.90 29.36 -6.46
CA SER A 32 -9.99 29.70 -5.05
C SER A 32 -9.20 30.98 -4.77
N LEU A 33 -8.21 31.21 -5.61
CA LEU A 33 -7.37 32.39 -5.47
C LEU A 33 -8.25 33.64 -5.41
N TRP A 34 -9.04 33.81 -6.46
CA TRP A 34 -9.94 34.95 -6.53
C TRP A 34 -11.32 34.51 -6.02
N ASN A 35 -11.86 33.51 -6.68
CA ASN A 35 -13.17 32.98 -6.31
C ASN A 35 -13.23 32.86 -4.78
N GLY A 1 -13.25 -8.56 -0.95
CA GLY A 1 -12.22 -8.76 -1.95
C GLY A 1 -12.08 -10.26 -2.29
N ILE A 2 -12.72 -10.65 -3.37
CA ILE A 2 -12.67 -12.03 -3.82
C ILE A 2 -11.70 -12.15 -5.00
N GLY A 3 -10.44 -11.85 -4.73
CA GLY A 3 -9.42 -11.92 -5.76
C GLY A 3 -8.02 -11.97 -5.14
N ALA A 4 -7.73 -13.07 -4.48
CA ALA A 4 -6.44 -13.25 -3.84
C ALA A 4 -5.34 -12.72 -4.77
N PHE A 5 -5.54 -12.94 -6.06
CA PHE A 5 -4.59 -12.50 -7.06
C PHE A 5 -5.00 -11.14 -7.64
N GLY A 6 -6.30 -10.89 -7.61
CA GLY A 6 -6.84 -9.66 -8.14
C GLY A 6 -6.68 -8.51 -7.13
N LEU A 7 -5.99 -8.82 -6.05
CA LEU A 7 -5.77 -7.83 -5.00
C LEU A 7 -4.66 -6.87 -5.45
N LEU A 8 -4.13 -7.12 -6.63
CA LEU A 8 -3.07 -6.30 -7.17
C LEU A 8 -3.58 -4.85 -7.30
N GLY A 9 -4.67 -4.71 -8.05
CA GLY A 9 -5.26 -3.41 -8.26
C GLY A 9 -5.64 -2.75 -6.93
N PHE A 10 -6.18 -3.57 -6.04
CA PHE A 10 -6.59 -3.09 -4.74
C PHE A 10 -5.42 -2.43 -4.00
N LEU A 11 -4.36 -3.19 -3.82
CA LEU A 11 -3.17 -2.69 -3.16
C LEU A 11 -2.64 -1.47 -3.90
N ALA A 12 -2.56 -1.62 -5.22
CA ALA A 12 -2.06 -0.54 -6.07
C ALA A 12 -2.81 0.75 -5.73
N ALA A 13 -4.08 0.58 -5.36
CA ALA A 13 -4.91 1.73 -5.02
C ALA A 13 -4.43 2.31 -3.68
N GLY A 14 -4.15 1.41 -2.75
CA GLY A 14 -3.69 1.81 -1.43
C GLY A 14 -2.32 2.49 -1.51
N SER A 15 -1.52 2.03 -2.47
CA SER A 15 -0.19 2.58 -2.67
C SER A 15 -0.28 4.09 -2.91
N LYS A 16 -1.47 4.53 -3.29
CA LYS A 16 -1.69 5.94 -3.56
C LYS A 16 -1.51 6.73 -2.26
N LYS A 17 -1.95 6.13 -1.17
CA LYS A 17 -1.85 6.77 0.14
C LYS A 17 -0.77 6.06 0.95
N LYS A 19 3.22 -0.06 3.01
CA LYS A 19 3.68 -0.76 1.83
C LYS A 19 5.00 -1.47 2.15
N ASN A 20 5.99 -0.67 2.52
CA ASN A 20 7.30 -1.21 2.86
C ASN A 20 7.43 -1.33 4.38
N GLU A 21 8.40 -2.12 4.80
CA GLU A 21 8.64 -2.32 6.22
C GLU A 21 9.18 -1.04 6.85
N GLN A 22 9.98 -0.32 6.06
CA GLN A 22 10.58 0.92 6.53
C GLN A 22 9.53 1.77 7.26
N GLU A 23 8.37 1.87 6.64
CA GLU A 23 7.27 2.65 7.21
C GLU A 23 7.02 2.23 8.66
N LEU A 24 6.96 0.92 8.86
CA LEU A 24 6.72 0.37 10.18
C LEU A 24 7.80 0.90 11.14
N LEU A 25 9.05 0.73 10.74
CA LEU A 25 10.16 1.18 11.54
C LEU A 25 10.11 2.70 11.68
N GLU A 26 9.29 3.31 10.83
CA GLU A 26 9.13 4.76 10.85
C GLU A 26 8.18 5.18 11.97
N LEU A 27 7.09 4.42 12.09
CA LEU A 27 6.10 4.70 13.10
C LEU A 27 6.59 4.17 14.46
N ASP A 28 7.41 3.14 14.38
CA ASP A 28 7.96 2.52 15.58
C ASP A 28 8.83 3.54 16.32
N LYS A 29 9.25 4.55 15.57
CA LYS A 29 10.09 5.60 16.15
C LYS A 29 9.20 6.56 16.94
N TRP A 30 7.91 6.28 16.94
CA TRP A 30 6.96 7.11 17.65
C TRP A 30 7.58 7.49 19.00
N ALA A 31 8.03 6.48 19.72
CA ALA A 31 8.65 6.69 21.01
C ALA A 31 9.99 7.41 20.82
N SER A 32 10.70 7.01 19.77
CA SER A 32 11.98 7.60 19.47
C SER A 32 11.91 9.12 19.58
N LEU A 33 10.70 9.64 19.42
CA LEU A 33 10.49 11.07 19.51
C LEU A 33 10.59 11.51 20.97
N TRP A 34 9.70 10.96 21.79
CA TRP A 34 9.69 11.28 23.20
C TRP A 34 10.09 10.03 23.98
N ASN A 35 9.33 8.97 23.76
CA ASN A 35 9.60 7.70 24.43
C ASN A 35 9.86 7.96 25.92
N GLY A 1 -15.50 -11.68 -0.49
CA GLY A 1 -14.32 -12.45 -0.87
C GLY A 1 -13.13 -11.52 -1.16
N ILE A 2 -11.94 -12.09 -1.10
CA ILE A 2 -10.74 -11.34 -1.35
C ILE A 2 -10.16 -11.75 -2.72
N GLY A 3 -10.62 -11.07 -3.74
CA GLY A 3 -10.17 -11.35 -5.10
C GLY A 3 -8.64 -11.39 -5.17
N ALA A 4 -8.10 -12.58 -5.03
CA ALA A 4 -6.66 -12.77 -5.07
C ALA A 4 -6.13 -12.30 -6.43
N PHE A 5 -6.93 -12.55 -7.45
CA PHE A 5 -6.56 -12.16 -8.81
C PHE A 5 -6.78 -10.67 -9.03
N GLY A 6 -7.40 -10.04 -8.04
CA GLY A 6 -7.69 -8.62 -8.12
C GLY A 6 -7.02 -7.86 -6.97
N LEU A 7 -6.35 -8.62 -6.12
CA LEU A 7 -5.67 -8.04 -4.98
C LEU A 7 -4.47 -7.24 -5.47
N LEU A 8 -4.13 -7.44 -6.72
CA LEU A 8 -3.00 -6.75 -7.33
C LEU A 8 -3.32 -5.25 -7.40
N GLY A 9 -4.42 -4.95 -8.07
CA GLY A 9 -4.84 -3.56 -8.23
C GLY A 9 -5.35 -2.99 -6.91
N PHE A 10 -5.74 -3.89 -6.02
CA PHE A 10 -6.24 -3.49 -4.71
C PHE A 10 -5.13 -2.88 -3.86
N LEU A 11 -3.98 -3.53 -3.89
CA LEU A 11 -2.83 -3.05 -3.13
C LEU A 11 -2.31 -1.75 -3.74
N ALA A 12 -2.18 -1.77 -5.07
CA ALA A 12 -1.70 -0.60 -5.78
C ALA A 12 -2.61 0.58 -5.49
N ALA A 13 -3.88 0.28 -5.24
CA ALA A 13 -4.86 1.31 -4.94
C ALA A 13 -4.46 2.02 -3.65
N GLY A 14 -4.05 1.23 -2.68
CA GLY A 14 -3.64 1.78 -1.39
C GLY A 14 -2.64 2.93 -1.58
N SER A 15 -1.79 2.77 -2.58
CA SER A 15 -0.79 3.78 -2.87
C SER A 15 -1.46 5.10 -3.23
N LYS A 16 -2.61 4.98 -3.88
CA LYS A 16 -3.37 6.15 -4.29
C LYS A 16 -3.87 6.89 -3.05
N LYS A 17 -3.86 6.17 -1.94
CA LYS A 17 -4.31 6.74 -0.67
C LYS A 17 -3.18 7.56 -0.06
N LYS A 19 3.43 9.52 2.11
CA LYS A 19 2.96 10.80 2.62
C LYS A 19 4.14 11.60 3.17
N ASN A 20 4.37 11.45 4.47
CA ASN A 20 5.46 12.14 5.11
C ASN A 20 6.60 11.17 5.38
N GLU A 21 7.40 11.49 6.38
CA GLU A 21 8.53 10.65 6.74
C GLU A 21 8.09 9.20 6.89
N GLN A 22 6.79 9.04 7.16
CA GLN A 22 6.22 7.71 7.33
C GLN A 22 6.81 6.74 6.30
N GLU A 23 6.72 7.15 5.04
CA GLU A 23 7.25 6.33 3.95
C GLU A 23 8.75 6.14 4.11
N LEU A 24 9.41 7.20 4.53
CA LEU A 24 10.85 7.18 4.72
C LEU A 24 11.22 5.91 5.50
N LEU A 25 10.58 5.76 6.65
CA LEU A 25 10.84 4.60 7.51
C LEU A 25 10.62 3.32 6.70
N GLU A 26 9.76 3.43 5.71
CA GLU A 26 9.46 2.29 4.85
C GLU A 26 10.65 1.96 3.96
N LEU A 27 11.29 3.01 3.46
CA LEU A 27 12.44 2.86 2.59
C LEU A 27 13.66 2.52 3.44
N ASP A 28 13.63 2.99 4.68
CA ASP A 28 14.74 2.75 5.60
C ASP A 28 14.87 1.24 5.84
N LYS A 29 13.78 0.53 5.57
CA LYS A 29 13.77 -0.91 5.75
C LYS A 29 14.49 -1.58 4.58
N TRP A 30 14.96 -0.75 3.66
CA TRP A 30 15.66 -1.24 2.49
C TRP A 30 16.60 -2.36 2.95
N ALA A 31 17.40 -2.05 3.95
CA ALA A 31 18.34 -3.02 4.49
C ALA A 31 17.58 -4.11 5.23
N SER A 32 16.53 -3.68 5.92
CA SER A 32 15.70 -4.61 6.68
C SER A 32 15.39 -5.84 5.84
N LEU A 33 15.43 -5.65 4.52
CA LEU A 33 15.15 -6.73 3.60
C LEU A 33 16.32 -7.72 3.60
N TRP A 34 17.48 -7.21 3.23
CA TRP A 34 18.68 -8.03 3.17
C TRP A 34 19.64 -7.51 4.26
N ASN A 35 19.98 -6.24 4.14
CA ASN A 35 20.89 -5.62 5.09
C ASN A 35 22.09 -6.55 5.33
N GLY A 1 -5.87 -14.50 -10.69
CA GLY A 1 -6.74 -13.97 -9.65
C GLY A 1 -8.01 -13.37 -10.25
N ILE A 2 -8.55 -12.39 -9.55
CA ILE A 2 -9.77 -11.73 -10.00
C ILE A 2 -9.42 -10.71 -11.09
N GLY A 3 -8.95 -9.54 -10.65
CA GLY A 3 -8.57 -8.49 -11.57
C GLY A 3 -7.23 -7.87 -11.18
N ALA A 4 -6.57 -7.29 -12.17
CA ALA A 4 -5.28 -6.68 -11.94
C ALA A 4 -5.44 -5.52 -10.96
N PHE A 5 -6.61 -4.88 -11.03
CA PHE A 5 -6.90 -3.76 -10.16
C PHE A 5 -7.56 -4.23 -8.86
N GLY A 6 -7.74 -5.54 -8.77
CA GLY A 6 -8.35 -6.14 -7.60
C GLY A 6 -7.30 -6.54 -6.57
N LEU A 7 -7.06 -7.84 -6.49
CA LEU A 7 -6.08 -8.36 -5.55
C LEU A 7 -4.67 -8.08 -6.08
N LEU A 8 -4.49 -8.36 -7.37
CA LEU A 8 -3.21 -8.13 -8.01
C LEU A 8 -2.85 -6.64 -7.91
N GLY A 9 -3.87 -5.84 -7.60
CA GLY A 9 -3.67 -4.41 -7.49
C GLY A 9 -4.21 -3.89 -6.16
N PHE A 10 -4.31 -4.80 -5.20
CA PHE A 10 -4.80 -4.46 -3.88
C PHE A 10 -3.93 -3.37 -3.24
N LEU A 11 -2.65 -3.44 -3.54
CA LEU A 11 -1.70 -2.48 -3.00
C LEU A 11 -1.86 -1.14 -3.74
N ALA A 12 -1.91 -1.23 -5.05
CA ALA A 12 -2.07 -0.04 -5.87
C ALA A 12 -3.37 0.68 -5.49
N ALA A 13 -4.33 -0.12 -5.02
CA ALA A 13 -5.62 0.42 -4.63
C ALA A 13 -5.40 1.45 -3.52
N GLY A 14 -4.54 1.10 -2.58
CA GLY A 14 -4.24 1.98 -1.45
C GLY A 14 -3.39 3.17 -1.90
N SER A 15 -2.45 2.88 -2.79
CA SER A 15 -1.56 3.90 -3.31
C SER A 15 -2.27 4.70 -4.42
N LYS A 16 -3.50 4.29 -4.69
CA LYS A 16 -4.29 4.96 -5.72
C LYS A 16 -4.48 6.42 -5.35
N LYS A 17 -4.38 6.69 -4.05
CA LYS A 17 -4.54 8.04 -3.55
C LYS A 17 -3.24 8.50 -2.89
N LYS A 19 -2.91 5.81 3.83
CA LYS A 19 -3.80 6.75 4.50
C LYS A 19 -3.72 6.52 6.01
N ASN A 20 -4.07 5.30 6.41
CA ASN A 20 -4.06 4.95 7.82
C ASN A 20 -2.81 4.11 8.11
N GLU A 21 -2.64 3.78 9.38
CA GLU A 21 -1.49 2.98 9.80
C GLU A 21 -1.60 1.56 9.22
N GLN A 22 -2.84 1.11 9.09
CA GLN A 22 -3.09 -0.23 8.56
C GLN A 22 -2.16 -0.49 7.37
N GLU A 23 -2.13 0.46 6.45
CA GLU A 23 -1.30 0.33 5.26
C GLU A 23 0.14 -0.01 5.66
N LEU A 24 0.68 0.79 6.57
CA LEU A 24 2.04 0.58 7.03
C LEU A 24 2.20 -0.87 7.49
N LEU A 25 1.29 -1.29 8.36
CA LEU A 25 1.32 -2.64 8.87
C LEU A 25 1.10 -3.63 7.72
N GLU A 26 0.46 -3.13 6.68
CA GLU A 26 0.19 -3.95 5.51
C GLU A 26 1.49 -4.32 4.80
N LEU A 27 2.36 -3.33 4.68
CA LEU A 27 3.65 -3.54 4.03
C LEU A 27 4.59 -4.25 4.98
N ASP A 28 4.36 -4.03 6.28
CA ASP A 28 5.18 -4.64 7.30
C ASP A 28 5.04 -6.16 7.22
N LYS A 29 3.95 -6.59 6.59
CA LYS A 29 3.69 -8.01 6.45
C LYS A 29 4.55 -8.56 5.31
N TRP A 30 5.32 -7.68 4.70
CA TRP A 30 6.19 -8.07 3.60
C TRP A 30 6.83 -9.40 3.96
N ALA A 31 7.37 -9.47 5.18
CA ALA A 31 8.02 -10.68 5.65
C ALA A 31 6.95 -11.74 5.93
N SER A 32 5.83 -11.29 6.48
CA SER A 32 4.74 -12.19 6.79
C SER A 32 4.48 -13.13 5.61
N LEU A 33 4.86 -12.67 4.43
CA LEU A 33 4.68 -13.46 3.22
C LEU A 33 5.67 -14.62 3.23
N TRP A 34 6.95 -14.27 3.23
CA TRP A 34 8.00 -15.26 3.23
C TRP A 34 8.73 -15.18 4.57
N ASN A 35 9.25 -13.99 4.85
CA ASN A 35 9.97 -13.77 6.09
C ASN A 35 10.95 -14.92 6.33
N GLY A 1 -8.80 0.34 -9.10
CA GLY A 1 -7.46 0.24 -9.64
C GLY A 1 -7.48 -0.36 -11.04
N ILE A 2 -6.33 -0.91 -11.44
CA ILE A 2 -6.20 -1.51 -12.76
C ILE A 2 -5.50 -2.87 -12.62
N GLY A 3 -5.55 -3.40 -11.41
CA GLY A 3 -4.92 -4.68 -11.13
C GLY A 3 -5.42 -5.76 -12.09
N ALA A 4 -4.56 -6.74 -12.33
CA ALA A 4 -4.90 -7.83 -13.23
C ALA A 4 -6.30 -8.35 -12.88
N PHE A 5 -6.36 -9.14 -11.83
CA PHE A 5 -7.63 -9.70 -11.39
C PHE A 5 -8.38 -8.73 -10.47
N GLY A 6 -7.75 -8.44 -9.34
CA GLY A 6 -8.34 -7.52 -8.37
C GLY A 6 -7.41 -7.32 -7.18
N LEU A 7 -6.98 -8.44 -6.60
CA LEU A 7 -6.09 -8.39 -5.45
C LEU A 7 -4.70 -7.99 -5.92
N LEU A 8 -4.48 -8.10 -7.22
CA LEU A 8 -3.19 -7.76 -7.80
C LEU A 8 -3.04 -6.24 -7.83
N GLY A 9 -4.15 -5.56 -7.57
CA GLY A 9 -4.15 -4.11 -7.56
C GLY A 9 -4.63 -3.57 -6.21
N PHE A 10 -4.74 -4.48 -5.25
CA PHE A 10 -5.19 -4.11 -3.92
C PHE A 10 -4.26 -3.06 -3.30
N LEU A 11 -2.96 -3.31 -3.45
CA LEU A 11 -1.97 -2.40 -2.91
C LEU A 11 -2.03 -1.08 -3.69
N ALA A 12 -2.12 -1.20 -5.00
CA ALA A 12 -2.18 -0.03 -5.86
C ALA A 12 -3.30 0.89 -5.37
N ALA A 13 -4.38 0.28 -4.90
CA ALA A 13 -5.51 1.03 -4.40
C ALA A 13 -5.06 1.96 -3.26
N GLY A 14 -4.22 1.40 -2.40
CA GLY A 14 -3.70 2.16 -1.27
C GLY A 14 -2.72 3.23 -1.74
N SER A 15 -2.00 2.91 -2.81
CA SER A 15 -1.02 3.83 -3.36
C SER A 15 -1.72 4.85 -4.26
N LYS A 16 -3.05 4.76 -4.29
CA LYS A 16 -3.84 5.67 -5.10
C LYS A 16 -3.66 7.09 -4.58
N LYS A 17 -3.18 7.19 -3.35
CA LYS A 17 -2.96 8.48 -2.73
C LYS A 17 -1.56 8.98 -3.09
N LYS A 19 5.33 10.78 -1.53
CA LYS A 19 5.81 12.15 -1.40
C LYS A 19 6.81 12.23 -0.25
N ASN A 20 6.30 12.63 0.91
CA ASN A 20 7.13 12.75 2.09
C ASN A 20 6.61 11.79 3.18
N GLU A 21 5.63 12.27 3.91
CA GLU A 21 5.04 11.48 4.98
C GLU A 21 4.06 10.46 4.40
N GLN A 22 3.41 10.86 3.32
CA GLN A 22 2.46 9.99 2.66
C GLN A 22 3.04 8.58 2.47
N GLU A 23 4.28 8.55 2.00
CA GLU A 23 4.95 7.28 1.78
C GLU A 23 5.20 6.57 3.11
N LEU A 24 5.56 7.37 4.11
CA LEU A 24 5.83 6.84 5.43
C LEU A 24 4.72 5.85 5.81
N LEU A 25 3.48 6.30 5.64
CA LEU A 25 2.33 5.48 5.96
C LEU A 25 2.35 4.22 5.09
N GLU A 26 2.86 4.40 3.87
CA GLU A 26 2.93 3.29 2.93
C GLU A 26 3.88 2.21 3.47
N LEU A 27 4.99 2.66 4.03
CA LEU A 27 5.98 1.74 4.58
C LEU A 27 5.48 1.23 5.94
N ASP A 28 4.69 2.06 6.60
CA ASP A 28 4.15 1.70 7.89
C ASP A 28 3.25 0.46 7.75
N LYS A 29 2.82 0.23 6.53
CA LYS A 29 1.97 -0.92 6.24
C LYS A 29 2.83 -2.18 6.16
N TRP A 30 4.12 -1.99 6.34
CA TRP A 30 5.05 -3.10 6.30
C TRP A 30 4.42 -4.28 7.04
N ALA A 31 4.00 -4.01 8.26
CA ALA A 31 3.37 -5.04 9.07
C ALA A 31 2.06 -5.47 8.43
N SER A 32 1.34 -4.48 7.91
CA SER A 32 0.07 -4.74 7.26
C SER A 32 0.19 -5.95 6.33
N LEU A 33 1.42 -6.18 5.87
CA LEU A 33 1.68 -7.29 4.97
C LEU A 33 1.61 -8.60 5.75
N TRP A 34 2.49 -8.72 6.74
CA TRP A 34 2.53 -9.92 7.56
C TRP A 34 2.10 -9.52 8.98
N ASN A 35 2.82 -8.57 9.55
CA ASN A 35 2.52 -8.10 10.89
C ASN A 35 2.29 -9.30 11.81
N GLY A 1 -11.26 -1.51 -14.90
CA GLY A 1 -12.55 -1.08 -14.40
C GLY A 1 -12.95 -1.86 -13.16
N ILE A 2 -13.58 -3.01 -13.39
CA ILE A 2 -14.01 -3.86 -12.30
C ILE A 2 -13.21 -5.16 -12.32
N GLY A 3 -12.47 -5.37 -11.25
CA GLY A 3 -11.65 -6.57 -11.12
C GLY A 3 -11.63 -7.07 -9.68
N ALA A 4 -12.68 -7.81 -9.32
CA ALA A 4 -12.78 -8.36 -7.98
C ALA A 4 -11.60 -9.29 -7.72
N PHE A 5 -11.17 -9.96 -8.78
CA PHE A 5 -10.06 -10.89 -8.67
C PHE A 5 -8.73 -10.16 -8.78
N GLY A 6 -8.82 -8.86 -9.01
CA GLY A 6 -7.63 -8.03 -9.13
C GLY A 6 -7.04 -7.70 -7.76
N LEU A 7 -6.72 -8.76 -7.03
CA LEU A 7 -6.16 -8.60 -5.70
C LEU A 7 -4.81 -7.88 -5.80
N LEU A 8 -4.13 -8.11 -6.92
CA LEU A 8 -2.84 -7.49 -7.15
C LEU A 8 -3.02 -5.98 -7.25
N GLY A 9 -4.27 -5.58 -7.48
CA GLY A 9 -4.58 -4.16 -7.60
C GLY A 9 -4.98 -3.58 -6.25
N PHE A 10 -5.26 -4.46 -5.31
CA PHE A 10 -5.66 -4.05 -3.98
C PHE A 10 -4.59 -3.16 -3.33
N LEU A 11 -3.34 -3.47 -3.67
CA LEU A 11 -2.22 -2.70 -3.14
C LEU A 11 -2.14 -1.36 -3.85
N ALA A 12 -2.27 -1.41 -5.16
CA ALA A 12 -2.21 -0.20 -5.97
C ALA A 12 -3.16 0.85 -5.37
N ALA A 13 -4.20 0.35 -4.71
CA ALA A 13 -5.17 1.23 -4.09
C ALA A 13 -4.49 2.08 -3.03
N GLY A 14 -3.63 1.43 -2.25
CA GLY A 14 -2.92 2.12 -1.19
C GLY A 14 -2.31 3.42 -1.71
N SER A 15 -1.84 3.38 -2.94
CA SER A 15 -1.22 4.55 -3.56
C SER A 15 -2.30 5.59 -3.87
N LYS A 16 -3.48 5.09 -4.22
CA LYS A 16 -4.60 5.96 -4.54
C LYS A 16 -4.95 6.82 -3.32
N LYS A 17 -4.47 6.37 -2.18
CA LYS A 17 -4.73 7.07 -0.93
C LYS A 17 -3.50 7.91 -0.56
N LYS A 19 4.33 6.19 4.32
CA LYS A 19 4.95 6.92 5.40
C LYS A 19 6.40 7.24 5.03
N ASN A 20 7.24 6.23 5.12
CA ASN A 20 8.66 6.39 4.79
C ASN A 20 8.79 6.82 3.34
N GLU A 21 9.45 7.96 3.15
CA GLU A 21 9.65 8.50 1.81
C GLU A 21 10.22 7.41 0.88
N GLN A 22 11.12 6.62 1.44
CA GLN A 22 11.74 5.55 0.68
C GLN A 22 10.68 4.74 -0.07
N GLU A 23 9.56 4.53 0.60
CA GLU A 23 8.46 3.78 0.01
C GLU A 23 8.12 4.35 -1.37
N LEU A 24 8.11 5.67 -1.45
CA LEU A 24 7.80 6.34 -2.70
C LEU A 24 8.90 6.06 -3.72
N LEU A 25 10.14 6.12 -3.22
CA LEU A 25 11.29 5.88 -4.07
C LEU A 25 11.66 4.39 -4.02
N GLU A 26 10.69 3.59 -3.60
CA GLU A 26 10.89 2.15 -3.50
C GLU A 26 10.99 1.54 -4.89
N LEU A 27 10.15 2.02 -5.78
CA LEU A 27 10.14 1.53 -7.16
C LEU A 27 11.33 2.11 -7.91
N ASP A 28 11.76 3.28 -7.47
CA ASP A 28 12.89 3.95 -8.09
C ASP A 28 14.15 3.09 -7.93
N LYS A 29 14.09 2.19 -6.95
CA LYS A 29 15.20 1.30 -6.68
C LYS A 29 15.20 0.16 -7.70
N TRP A 30 14.21 0.21 -8.60
CA TRP A 30 14.10 -0.81 -9.62
C TRP A 30 15.50 -1.10 -10.16
N ALA A 31 16.13 -0.06 -10.67
CA ALA A 31 17.47 -0.20 -11.23
C ALA A 31 18.40 -0.78 -10.16
N SER A 32 18.20 -0.31 -8.94
CA SER A 32 19.00 -0.77 -7.82
C SER A 32 19.14 -2.30 -7.86
N LEU A 33 18.16 -2.92 -8.49
CA LEU A 33 18.15 -4.37 -8.61
C LEU A 33 19.22 -4.81 -9.62
N TRP A 34 19.05 -4.34 -10.85
CA TRP A 34 19.99 -4.67 -11.91
C TRP A 34 20.71 -3.38 -12.31
N ASN A 35 19.93 -2.40 -12.70
CA ASN A 35 20.48 -1.11 -13.12
C ASN A 35 21.66 -1.36 -14.05
N GLY A 1 -8.57 0.53 -2.45
CA GLY A 1 -9.53 -0.52 -2.11
C GLY A 1 -10.79 -0.39 -2.97
N ILE A 2 -10.73 -0.99 -4.14
CA ILE A 2 -11.86 -0.95 -5.06
C ILE A 2 -12.63 -2.27 -4.98
N GLY A 3 -11.87 -3.35 -4.78
CA GLY A 3 -12.46 -4.67 -4.68
C GLY A 3 -11.47 -5.67 -4.08
N ALA A 4 -11.96 -6.43 -3.11
CA ALA A 4 -11.12 -7.42 -2.45
C ALA A 4 -10.65 -8.45 -3.49
N PHE A 5 -11.37 -8.50 -4.59
CA PHE A 5 -11.04 -9.43 -5.67
C PHE A 5 -9.93 -8.87 -6.56
N GLY A 6 -9.77 -7.55 -6.49
CA GLY A 6 -8.76 -6.88 -7.28
C GLY A 6 -7.40 -6.91 -6.58
N LEU A 7 -6.90 -8.12 -6.38
CA LEU A 7 -5.62 -8.31 -5.72
C LEU A 7 -4.50 -7.99 -6.71
N LEU A 8 -4.88 -7.87 -7.97
CA LEU A 8 -3.92 -7.58 -9.02
C LEU A 8 -3.06 -6.38 -8.59
N GLY A 9 -3.65 -5.54 -7.75
CA GLY A 9 -2.97 -4.35 -7.27
C GLY A 9 -3.79 -3.66 -6.19
N PHE A 10 -4.22 -4.45 -5.21
CA PHE A 10 -5.01 -3.92 -4.12
C PHE A 10 -4.21 -2.90 -3.31
N LEU A 11 -2.94 -3.20 -3.12
CA LEU A 11 -2.06 -2.32 -2.37
C LEU A 11 -1.70 -1.10 -3.23
N ALA A 12 -1.35 -1.39 -4.48
CA ALA A 12 -0.99 -0.34 -5.41
C ALA A 12 -2.19 0.56 -5.66
N ALA A 13 -3.37 -0.03 -5.52
CA ALA A 13 -4.61 0.70 -5.73
C ALA A 13 -4.90 1.55 -4.49
N GLY A 14 -4.70 0.95 -3.33
CA GLY A 14 -4.94 1.64 -2.07
C GLY A 14 -4.08 2.91 -1.97
N SER A 15 -2.88 2.82 -2.54
CA SER A 15 -1.96 3.94 -2.52
C SER A 15 -2.63 5.16 -3.17
N LYS A 16 -3.66 4.90 -3.94
CA LYS A 16 -4.39 5.96 -4.62
C LYS A 16 -4.88 6.98 -3.58
N LYS A 17 -4.96 6.52 -2.33
CA LYS A 17 -5.41 7.38 -1.26
C LYS A 17 -4.38 7.34 -0.12
N LYS A 19 -1.38 2.17 5.98
CA LYS A 19 -1.90 1.96 7.31
C LYS A 19 -0.75 2.01 8.32
N ASN A 20 -0.10 0.86 8.50
CA ASN A 20 1.00 0.76 9.43
C ASN A 20 2.25 1.37 8.78
N GLU A 21 3.13 1.88 9.64
CA GLU A 21 4.36 2.48 9.16
C GLU A 21 5.13 1.51 8.28
N GLN A 22 5.04 0.24 8.62
CA GLN A 22 5.71 -0.81 7.88
C GLN A 22 5.61 -0.53 6.37
N GLU A 23 4.39 -0.25 5.95
CA GLU A 23 4.13 0.03 4.54
C GLU A 23 5.15 1.04 4.01
N LEU A 24 5.33 2.10 4.78
CA LEU A 24 6.26 3.15 4.40
C LEU A 24 7.62 2.53 4.08
N LEU A 25 8.10 1.71 5.01
CA LEU A 25 9.37 1.05 4.84
C LEU A 25 9.33 0.19 3.56
N GLU A 26 8.12 -0.19 3.19
CA GLU A 26 7.93 -1.02 2.01
C GLU A 26 8.32 -0.23 0.76
N LEU A 27 7.92 1.04 0.74
CA LEU A 27 8.22 1.89 -0.39
C LEU A 27 9.68 2.35 -0.31
N ASP A 28 10.19 2.41 0.92
CA ASP A 28 11.56 2.82 1.15
C ASP A 28 12.51 1.82 0.47
N LYS A 29 11.98 0.62 0.22
CA LYS A 29 12.76 -0.42 -0.42
C LYS A 29 12.84 -0.14 -1.92
N TRP A 30 12.19 0.94 -2.33
CA TRP A 30 12.18 1.32 -3.73
C TRP A 30 13.59 1.10 -4.29
N ALA A 31 14.55 1.74 -3.64
CA ALA A 31 15.95 1.62 -4.06
C ALA A 31 16.38 0.15 -3.99
N SER A 32 16.00 -0.48 -2.88
CA SER A 32 16.35 -1.89 -2.69
C SER A 32 16.20 -2.65 -4.01
N LEU A 33 15.29 -2.16 -4.85
CA LEU A 33 15.05 -2.79 -6.14
C LEU A 33 16.28 -2.61 -7.03
N TRP A 34 16.60 -1.34 -7.29
CA TRP A 34 17.75 -1.03 -8.12
C TRP A 34 18.79 -0.33 -7.25
N ASN A 35 18.37 0.77 -6.64
CA ASN A 35 19.24 1.54 -5.78
C ASN A 35 20.61 1.68 -6.45
N GLY A 1 -10.19 -14.72 -8.12
CA GLY A 1 -9.81 -14.52 -9.51
C GLY A 1 -8.30 -14.34 -9.65
N ILE A 2 -7.80 -14.64 -10.84
CA ILE A 2 -6.37 -14.52 -11.11
C ILE A 2 -6.14 -13.40 -12.12
N GLY A 3 -6.36 -12.17 -11.65
CA GLY A 3 -6.18 -11.01 -12.49
C GLY A 3 -5.39 -9.92 -11.76
N ALA A 4 -4.64 -9.16 -12.53
CA ALA A 4 -3.83 -8.09 -11.97
C ALA A 4 -4.75 -7.05 -11.33
N PHE A 5 -5.97 -6.99 -11.84
CA PHE A 5 -6.96 -6.05 -11.32
C PHE A 5 -7.62 -6.60 -10.06
N GLY A 6 -7.24 -7.82 -9.69
CA GLY A 6 -7.78 -8.47 -8.52
C GLY A 6 -7.11 -7.96 -7.24
N LEU A 7 -6.44 -8.89 -6.57
CA LEU A 7 -5.75 -8.55 -5.33
C LEU A 7 -4.52 -7.70 -5.67
N LEU A 8 -4.06 -7.84 -6.90
CA LEU A 8 -2.90 -7.10 -7.35
C LEU A 8 -3.25 -5.62 -7.45
N GLY A 9 -4.54 -5.36 -7.57
CA GLY A 9 -5.03 -3.98 -7.67
C GLY A 9 -5.42 -3.44 -6.30
N PHE A 10 -5.52 -4.35 -5.34
CA PHE A 10 -5.89 -3.97 -3.98
C PHE A 10 -4.77 -3.17 -3.31
N LEU A 11 -3.54 -3.52 -3.67
CA LEU A 11 -2.38 -2.85 -3.11
C LEU A 11 -2.22 -1.48 -3.78
N ALA A 12 -2.33 -1.49 -5.10
CA ALA A 12 -2.20 -0.26 -5.87
C ALA A 12 -3.19 0.78 -5.32
N ALA A 13 -4.29 0.28 -4.79
CA ALA A 13 -5.31 1.16 -4.24
C ALA A 13 -4.69 2.06 -3.16
N GLY A 14 -3.86 1.44 -2.34
CA GLY A 14 -3.19 2.17 -1.27
C GLY A 14 -2.29 3.27 -1.84
N SER A 15 -1.74 3.00 -3.01
CA SER A 15 -0.86 3.95 -3.66
C SER A 15 -1.67 5.16 -4.14
N LYS A 16 -2.94 4.92 -4.40
CA LYS A 16 -3.83 5.97 -4.85
C LYS A 16 -4.05 6.97 -3.72
N LYS A 17 -3.87 6.49 -2.49
CA LYS A 17 -4.04 7.32 -1.32
C LYS A 17 -2.69 7.93 -0.92
N LYS A 19 5.87 5.47 2.05
CA LYS A 19 7.30 5.21 2.00
C LYS A 19 7.68 4.23 3.10
N ASN A 20 7.64 4.73 4.33
CA ASN A 20 7.97 3.90 5.48
C ASN A 20 6.68 3.52 6.22
N GLU A 21 6.75 2.39 6.92
CA GLU A 21 5.61 1.90 7.66
C GLU A 21 5.17 2.94 8.70
N GLN A 22 6.16 3.55 9.33
CA GLN A 22 5.89 4.56 10.34
C GLN A 22 4.74 5.46 9.90
N GLU A 23 4.85 5.96 8.68
CA GLU A 23 3.82 6.83 8.12
C GLU A 23 2.49 6.08 8.01
N LEU A 24 2.57 4.86 7.48
CA LEU A 24 1.39 4.03 7.32
C LEU A 24 0.59 4.04 8.62
N LEU A 25 1.31 3.84 9.72
CA LEU A 25 0.68 3.80 11.03
C LEU A 25 0.10 5.19 11.34
N GLU A 26 0.74 6.21 10.78
CA GLU A 26 0.31 7.57 10.99
C GLU A 26 -1.16 7.74 10.57
N LEU A 27 -1.49 7.08 9.47
CA LEU A 27 -2.85 7.16 8.95
C LEU A 27 -3.77 6.31 9.83
N ASP A 28 -3.18 5.29 10.45
CA ASP A 28 -3.93 4.41 11.32
C ASP A 28 -4.48 5.20 12.50
N LYS A 29 -3.86 6.35 12.75
CA LYS A 29 -4.27 7.21 13.83
C LYS A 29 -5.53 7.99 13.41
N TRP A 30 -5.95 7.74 12.18
CA TRP A 30 -7.12 8.42 11.64
C TRP A 30 -8.19 8.47 12.74
N ALA A 31 -8.42 7.31 13.34
CA ALA A 31 -9.40 7.20 14.41
C ALA A 31 -8.85 7.85 15.68
N SER A 32 -7.60 7.51 15.97
CA SER A 32 -6.94 8.06 17.15
C SER A 32 -7.33 9.53 17.33
N LEU A 33 -7.60 10.18 16.21
CA LEU A 33 -7.97 11.58 16.24
C LEU A 33 -9.34 11.73 16.92
N TRP A 34 -10.33 11.10 16.32
CA TRP A 34 -11.68 11.15 16.85
C TRP A 34 -12.07 9.76 17.32
N ASN A 35 -12.00 8.81 16.40
CA ASN A 35 -12.33 7.43 16.70
C ASN A 35 -13.60 7.40 17.56
N GLY A 1 -16.52 -7.85 -11.81
CA GLY A 1 -15.54 -7.03 -12.49
C GLY A 1 -14.12 -7.46 -12.14
N ILE A 2 -13.71 -7.11 -10.93
CA ILE A 2 -12.38 -7.45 -10.46
C ILE A 2 -12.42 -7.67 -8.95
N GLY A 3 -11.68 -8.69 -8.51
CA GLY A 3 -11.62 -9.03 -7.10
C GLY A 3 -10.58 -10.11 -6.83
N ALA A 4 -10.87 -11.30 -7.34
CA ALA A 4 -9.96 -12.43 -7.17
C ALA A 4 -8.62 -12.10 -7.83
N PHE A 5 -8.70 -11.70 -9.10
CA PHE A 5 -7.51 -11.36 -9.86
C PHE A 5 -7.15 -9.88 -9.67
N GLY A 6 -7.99 -9.19 -8.93
CA GLY A 6 -7.78 -7.77 -8.68
C GLY A 6 -7.03 -7.56 -7.36
N LEU A 7 -6.37 -8.62 -6.92
CA LEU A 7 -5.60 -8.57 -5.68
C LEU A 7 -4.43 -7.61 -5.86
N LEU A 8 -3.82 -7.67 -7.04
CA LEU A 8 -2.69 -6.82 -7.35
C LEU A 8 -3.14 -5.36 -7.37
N GLY A 9 -4.44 -5.18 -7.48
CA GLY A 9 -5.01 -3.84 -7.52
C GLY A 9 -5.34 -3.35 -6.10
N PHE A 10 -5.50 -4.30 -5.20
CA PHE A 10 -5.81 -3.98 -3.82
C PHE A 10 -4.73 -3.09 -3.21
N LEU A 11 -3.48 -3.46 -3.48
CA LEU A 11 -2.35 -2.71 -2.97
C LEU A 11 -2.24 -1.38 -3.72
N ALA A 12 -2.38 -1.47 -5.03
CA ALA A 12 -2.30 -0.29 -5.87
C ALA A 12 -3.33 0.74 -5.41
N ALA A 13 -4.41 0.23 -4.82
CA ALA A 13 -5.47 1.09 -4.33
C ALA A 13 -4.89 2.04 -3.28
N GLY A 14 -4.07 1.48 -2.41
CA GLY A 14 -3.45 2.27 -1.35
C GLY A 14 -2.36 3.17 -1.91
N SER A 15 -1.71 2.69 -2.96
CA SER A 15 -0.64 3.44 -3.59
C SER A 15 -1.22 4.48 -4.54
N LYS A 16 -2.55 4.55 -4.55
CA LYS A 16 -3.24 5.50 -5.41
C LYS A 16 -2.70 6.91 -5.14
N LYS A 17 -2.17 7.09 -3.94
CA LYS A 17 -1.62 8.39 -3.56
C LYS A 17 -0.10 8.36 -3.72
N LYS A 19 4.69 6.48 2.75
CA LYS A 19 5.09 7.10 4.00
C LYS A 19 6.60 6.94 4.18
N ASN A 20 7.02 5.70 4.43
CA ASN A 20 8.42 5.41 4.63
C ASN A 20 9.02 4.91 3.30
N GLU A 21 10.29 5.23 3.12
CA GLU A 21 10.99 4.82 1.90
C GLU A 21 10.84 3.31 1.69
N GLN A 22 10.69 2.60 2.79
CA GLN A 22 10.53 1.15 2.74
C GLN A 22 9.63 0.76 1.57
N GLU A 23 8.44 1.34 1.56
CA GLU A 23 7.48 1.07 0.50
C GLU A 23 8.12 1.25 -0.87
N LEU A 24 8.85 2.35 -1.00
CA LEU A 24 9.52 2.66 -2.25
C LEU A 24 10.18 1.39 -2.80
N LEU A 25 10.90 0.71 -1.92
CA LEU A 25 11.58 -0.52 -2.30
C LEU A 25 10.55 -1.56 -2.73
N GLU A 26 9.47 -1.64 -1.96
CA GLU A 26 8.40 -2.59 -2.25
C GLU A 26 7.90 -2.37 -3.68
N LEU A 27 7.80 -1.11 -4.06
CA LEU A 27 7.32 -0.76 -5.39
C LEU A 27 8.48 -0.87 -6.39
N ASP A 28 9.68 -0.68 -5.87
CA ASP A 28 10.88 -0.75 -6.70
C ASP A 28 11.00 -2.17 -7.25
N LYS A 29 10.34 -3.10 -6.58
CA LYS A 29 10.39 -4.50 -6.99
C LYS A 29 9.45 -4.70 -8.18
N TRP A 30 8.80 -3.61 -8.57
CA TRP A 30 7.87 -3.66 -9.69
C TRP A 30 8.49 -4.53 -10.79
N ALA A 31 9.76 -4.25 -11.06
CA ALA A 31 10.48 -5.00 -12.08
C ALA A 31 10.77 -6.41 -11.56
N SER A 32 11.30 -6.45 -10.34
CA SER A 32 11.64 -7.73 -9.73
C SER A 32 10.56 -8.77 -10.06
N LEU A 33 9.35 -8.29 -10.26
CA LEU A 33 8.23 -9.16 -10.58
C LEU A 33 8.48 -9.81 -11.95
N TRP A 34 8.59 -8.96 -12.96
CA TRP A 34 8.82 -9.43 -14.32
C TRP A 34 10.21 -8.96 -14.74
N ASN A 35 10.40 -7.66 -14.69
CA ASN A 35 11.68 -7.08 -15.07
C ASN A 35 12.10 -7.63 -16.43
N GLY A 1 -13.99 0.85 -2.14
CA GLY A 1 -12.76 0.10 -2.31
C GLY A 1 -12.91 -1.00 -3.36
N ILE A 2 -12.87 -0.59 -4.61
CA ILE A 2 -13.01 -1.52 -5.72
C ILE A 2 -11.64 -2.10 -6.06
N GLY A 3 -11.66 -3.20 -6.81
CA GLY A 3 -10.43 -3.86 -7.21
C GLY A 3 -10.31 -3.90 -8.74
N ALA A 4 -9.22 -3.33 -9.22
CA ALA A 4 -8.96 -3.29 -10.65
C ALA A 4 -8.98 -4.71 -11.21
N PHE A 5 -7.88 -5.42 -10.99
CA PHE A 5 -7.77 -6.79 -11.46
C PHE A 5 -8.21 -7.78 -10.39
N GLY A 6 -7.58 -7.67 -9.23
CA GLY A 6 -7.89 -8.55 -8.11
C GLY A 6 -7.25 -8.05 -6.83
N LEU A 7 -6.21 -8.77 -6.40
CA LEU A 7 -5.50 -8.41 -5.19
C LEU A 7 -4.31 -7.50 -5.54
N LEU A 8 -3.81 -7.69 -6.75
CA LEU A 8 -2.69 -6.90 -7.22
C LEU A 8 -3.12 -5.44 -7.36
N GLY A 9 -4.40 -5.26 -7.64
CA GLY A 9 -4.95 -3.92 -7.80
C GLY A 9 -5.33 -3.31 -6.44
N PHE A 10 -5.60 -4.20 -5.49
CA PHE A 10 -5.98 -3.77 -4.16
C PHE A 10 -4.87 -2.95 -3.51
N LEU A 11 -3.64 -3.38 -3.75
CA LEU A 11 -2.49 -2.69 -3.21
C LEU A 11 -2.28 -1.36 -3.95
N ALA A 12 -2.35 -1.45 -5.27
CA ALA A 12 -2.18 -0.27 -6.11
C ALA A 12 -3.18 0.80 -5.67
N ALA A 13 -4.32 0.34 -5.17
CA ALA A 13 -5.36 1.25 -4.72
C ALA A 13 -4.85 2.04 -3.50
N GLY A 14 -4.20 1.31 -2.60
CA GLY A 14 -3.67 1.93 -1.40
C GLY A 14 -2.51 2.87 -1.73
N SER A 15 -1.75 2.48 -2.74
CA SER A 15 -0.62 3.28 -3.17
C SER A 15 -1.08 4.69 -3.56
N LYS A 16 -2.36 4.79 -3.89
CA LYS A 16 -2.94 6.06 -4.27
C LYS A 16 -2.73 7.08 -3.15
N LYS A 17 -3.21 6.70 -1.97
CA LYS A 17 -3.08 7.56 -0.81
C LYS A 17 -1.80 7.21 -0.05
N LYS A 19 -0.32 0.23 6.35
CA LYS A 19 -1.24 -0.27 7.35
C LYS A 19 -0.44 -0.76 8.57
N ASN A 20 -0.12 -2.04 8.55
CA ASN A 20 0.65 -2.63 9.64
C ASN A 20 2.13 -2.63 9.28
N GLU A 21 2.95 -2.77 10.31
CA GLU A 21 4.39 -2.78 10.13
C GLU A 21 4.81 -4.00 9.31
N GLN A 22 3.97 -5.02 9.37
CA GLN A 22 4.24 -6.25 8.65
C GLN A 22 4.84 -5.95 7.28
N GLU A 23 4.27 -4.94 6.62
CA GLU A 23 4.73 -4.54 5.31
C GLU A 23 6.14 -3.95 5.40
N LEU A 24 6.29 -3.01 6.32
CA LEU A 24 7.58 -2.36 6.52
C LEU A 24 8.69 -3.41 6.43
N LEU A 25 8.61 -4.38 7.33
CA LEU A 25 9.60 -5.45 7.36
C LEU A 25 9.86 -5.93 5.93
N GLU A 26 8.78 -6.15 5.21
CA GLU A 26 8.88 -6.61 3.82
C GLU A 26 9.77 -5.67 3.01
N LEU A 27 9.61 -4.38 3.27
CA LEU A 27 10.40 -3.38 2.57
C LEU A 27 11.82 -3.36 3.14
N ASP A 28 11.92 -3.75 4.40
CA ASP A 28 13.22 -3.79 5.06
C ASP A 28 14.13 -4.79 4.35
N LYS A 29 13.49 -5.69 3.62
CA LYS A 29 14.23 -6.71 2.90
C LYS A 29 14.80 -6.10 1.61
N TRP A 30 14.52 -4.82 1.42
CA TRP A 30 15.00 -4.10 0.25
C TRP A 30 16.45 -4.53 0.01
N ALA A 31 17.26 -4.40 1.05
CA ALA A 31 18.66 -4.77 0.95
C ALA A 31 18.78 -6.29 0.76
N SER A 32 17.90 -7.01 1.44
CA SER A 32 17.89 -8.46 1.34
C SER A 32 17.99 -8.89 -0.12
N LEU A 33 17.56 -8.00 -1.00
CA LEU A 33 17.60 -8.27 -2.42
C LEU A 33 19.05 -8.22 -2.91
N TRP A 34 19.65 -7.05 -2.75
CA TRP A 34 21.04 -6.85 -3.17
C TRP A 34 21.88 -6.63 -1.91
N ASN A 35 21.50 -5.61 -1.15
CA ASN A 35 22.21 -5.28 0.07
C ASN A 35 23.72 -5.32 -0.21
N GLY A 1 -14.44 -8.59 -11.98
CA GLY A 1 -14.03 -9.01 -10.64
C GLY A 1 -12.72 -8.31 -10.22
N ILE A 2 -12.85 -7.41 -9.26
CA ILE A 2 -11.70 -6.67 -8.76
C ILE A 2 -11.54 -6.94 -7.26
N GLY A 3 -11.25 -8.19 -6.95
CA GLY A 3 -11.06 -8.60 -5.57
C GLY A 3 -10.42 -9.98 -5.48
N ALA A 4 -11.08 -10.95 -6.12
CA ALA A 4 -10.58 -12.31 -6.11
C ALA A 4 -9.17 -12.34 -6.68
N PHE A 5 -9.08 -12.23 -7.99
CA PHE A 5 -7.79 -12.25 -8.66
C PHE A 5 -7.29 -10.82 -8.91
N GLY A 6 -8.12 -9.87 -8.55
CA GLY A 6 -7.78 -8.46 -8.73
C GLY A 6 -7.16 -7.89 -7.45
N LEU A 7 -6.48 -8.77 -6.71
CA LEU A 7 -5.84 -8.36 -5.48
C LEU A 7 -4.58 -7.56 -5.80
N LEU A 8 -4.08 -7.76 -7.01
CA LEU A 8 -2.88 -7.07 -7.46
C LEU A 8 -3.18 -5.58 -7.57
N GLY A 9 -4.46 -5.25 -7.63
CA GLY A 9 -4.88 -3.87 -7.74
C GLY A 9 -5.37 -3.34 -6.39
N PHE A 10 -5.26 -4.19 -5.38
CA PHE A 10 -5.68 -3.82 -4.04
C PHE A 10 -4.69 -2.84 -3.40
N LEU A 11 -3.42 -3.23 -3.45
CA LEU A 11 -2.38 -2.39 -2.88
C LEU A 11 -2.21 -1.13 -3.73
N ALA A 12 -2.25 -1.33 -5.04
CA ALA A 12 -2.12 -0.22 -5.97
C ALA A 12 -3.14 0.86 -5.62
N ALA A 13 -4.25 0.43 -5.05
CA ALA A 13 -5.31 1.35 -4.67
C ALA A 13 -4.84 2.19 -3.48
N GLY A 14 -4.20 1.52 -2.53
CA GLY A 14 -3.69 2.19 -1.35
C GLY A 14 -2.49 3.08 -1.70
N SER A 15 -1.71 2.63 -2.67
CA SER A 15 -0.55 3.37 -3.11
C SER A 15 -0.95 4.75 -3.60
N LYS A 16 -2.22 4.87 -3.97
CA LYS A 16 -2.75 6.13 -4.46
C LYS A 16 -2.47 7.23 -3.44
N LYS A 17 -2.85 6.94 -2.20
CA LYS A 17 -2.65 7.90 -1.12
C LYS A 17 -1.38 7.53 -0.34
N LYS A 19 -0.73 3.89 7.00
CA LYS A 19 -0.97 3.72 8.42
C LYS A 19 -0.07 4.68 9.20
N ASN A 20 1.23 4.48 9.06
CA ASN A 20 2.20 5.32 9.73
C ASN A 20 3.26 5.78 8.73
N GLU A 21 3.81 6.95 9.02
CA GLU A 21 4.83 7.52 8.14
C GLU A 21 5.94 6.51 7.89
N GLN A 22 6.37 5.86 8.97
CA GLN A 22 7.43 4.87 8.88
C GLN A 22 7.14 3.89 7.74
N GLU A 23 5.87 3.54 7.61
CA GLU A 23 5.45 2.62 6.56
C GLU A 23 5.80 3.18 5.19
N LEU A 24 5.57 4.48 5.04
CA LEU A 24 5.85 5.16 3.78
C LEU A 24 7.35 5.02 3.46
N LEU A 25 8.16 5.48 4.38
CA LEU A 25 9.61 5.41 4.22
C LEU A 25 10.02 3.96 4.01
N GLU A 26 9.21 3.06 4.56
CA GLU A 26 9.49 1.64 4.45
C GLU A 26 9.52 1.22 2.97
N LEU A 27 8.53 1.71 2.23
CA LEU A 27 8.44 1.39 0.81
C LEU A 27 9.42 2.28 0.03
N ASP A 28 9.68 3.45 0.60
CA ASP A 28 10.59 4.39 -0.04
C ASP A 28 11.99 3.77 -0.11
N LYS A 29 12.20 2.77 0.73
CA LYS A 29 13.48 2.09 0.76
C LYS A 29 13.57 1.10 -0.41
N TRP A 30 12.49 1.06 -1.18
CA TRP A 30 12.43 0.17 -2.32
C TRP A 30 13.78 0.22 -3.03
N ALA A 31 14.17 1.42 -3.42
CA ALA A 31 15.44 1.61 -4.10
C ALA A 31 16.57 1.08 -3.23
N SER A 32 16.64 1.60 -2.01
CA SER A 32 17.66 1.19 -1.07
C SER A 32 17.92 -0.32 -1.21
N LEU A 33 16.87 -1.03 -1.58
CA LEU A 33 16.98 -2.47 -1.76
C LEU A 33 18.00 -2.77 -2.86
N TRP A 34 17.71 -2.29 -4.05
CA TRP A 34 18.59 -2.50 -5.18
C TRP A 34 19.58 -1.33 -5.24
N ASN A 35 19.03 -0.13 -5.36
CA ASN A 35 19.86 1.06 -5.42
C ASN A 35 21.03 0.82 -6.39
N GLY A 1 -6.64 -17.04 1.50
CA GLY A 1 -5.97 -15.78 1.28
C GLY A 1 -5.52 -15.64 -0.17
N ILE A 2 -6.51 -15.51 -1.04
CA ILE A 2 -6.24 -15.37 -2.47
C ILE A 2 -6.67 -13.97 -2.94
N GLY A 3 -6.99 -13.88 -4.21
CA GLY A 3 -7.43 -12.62 -4.80
C GLY A 3 -8.93 -12.42 -4.61
N ALA A 4 -9.30 -11.98 -3.41
CA ALA A 4 -10.69 -11.75 -3.10
C ALA A 4 -11.34 -10.91 -4.21
N PHE A 5 -11.05 -9.62 -4.16
CA PHE A 5 -11.59 -8.71 -5.15
C PHE A 5 -10.65 -8.58 -6.35
N GLY A 6 -9.45 -8.07 -6.08
CA GLY A 6 -8.45 -7.89 -7.11
C GLY A 6 -7.08 -7.59 -6.51
N LEU A 7 -6.32 -8.66 -6.28
CA LEU A 7 -5.00 -8.52 -5.71
C LEU A 7 -4.04 -7.97 -6.77
N LEU A 8 -4.55 -7.90 -8.00
CA LEU A 8 -3.75 -7.40 -9.10
C LEU A 8 -3.09 -6.08 -8.69
N GLY A 9 -3.86 -5.27 -7.98
CA GLY A 9 -3.35 -3.98 -7.52
C GLY A 9 -4.24 -3.41 -6.41
N PHE A 10 -4.77 -4.32 -5.61
CA PHE A 10 -5.64 -3.92 -4.50
C PHE A 10 -4.92 -2.93 -3.58
N LEU A 11 -3.67 -3.25 -3.27
CA LEU A 11 -2.88 -2.40 -2.39
C LEU A 11 -2.38 -1.19 -3.19
N ALA A 12 -1.88 -1.47 -4.38
CA ALA A 12 -1.36 -0.43 -5.24
C ALA A 12 -2.43 0.66 -5.40
N ALA A 13 -3.68 0.23 -5.43
CA ALA A 13 -4.78 1.16 -5.58
C ALA A 13 -4.83 2.09 -4.37
N GLY A 14 -4.64 1.48 -3.20
CA GLY A 14 -4.66 2.24 -1.96
C GLY A 14 -3.45 3.18 -1.86
N SER A 15 -2.35 2.72 -2.44
CA SER A 15 -1.12 3.49 -2.42
C SER A 15 -1.32 4.80 -3.20
N LYS A 16 -2.42 4.85 -3.95
CA LYS A 16 -2.73 6.02 -4.74
C LYS A 16 -2.85 7.23 -3.82
N LYS A 17 -3.52 7.02 -2.70
CA LYS A 17 -3.70 8.10 -1.73
C LYS A 17 -3.20 7.62 -0.37
N LYS A 19 -4.65 4.11 6.81
CA LYS A 19 -5.88 3.38 7.01
C LYS A 19 -5.67 2.34 8.11
N ASN A 20 -4.90 1.32 7.80
CA ASN A 20 -4.61 0.27 8.74
C ASN A 20 -3.65 0.79 9.81
N GLU A 21 -3.20 -0.12 10.66
CA GLU A 21 -2.28 0.23 11.72
C GLU A 21 -0.97 0.76 11.15
N GLN A 22 -0.59 0.19 10.00
CA GLN A 22 0.63 0.60 9.34
C GLN A 22 0.83 2.11 9.45
N GLU A 23 -0.02 2.84 8.75
CA GLU A 23 0.04 4.29 8.77
C GLU A 23 0.31 4.79 10.20
N LEU A 24 -0.46 4.25 11.13
CA LEU A 24 -0.32 4.63 12.53
C LEU A 24 1.16 4.77 12.87
N LEU A 25 1.87 3.65 12.80
CA LEU A 25 3.29 3.63 13.09
C LEU A 25 3.98 4.74 12.31
N GLU A 26 3.51 4.93 11.08
CA GLU A 26 4.07 5.96 10.21
C GLU A 26 4.03 7.32 10.90
N LEU A 27 2.89 7.60 11.52
CA LEU A 27 2.69 8.86 12.22
C LEU A 27 3.38 8.79 13.58
N ASP A 28 3.48 7.57 14.10
CA ASP A 28 4.10 7.36 15.39
C ASP A 28 5.58 7.77 15.31
N LYS A 29 6.09 7.82 14.08
CA LYS A 29 7.47 8.18 13.86
C LYS A 29 7.60 9.71 13.96
N TRP A 30 6.47 10.35 14.20
CA TRP A 30 6.45 11.81 14.32
C TRP A 30 7.68 12.23 15.12
N ALA A 31 7.84 11.61 16.28
CA ALA A 31 8.96 11.93 17.15
C ALA A 31 10.26 11.49 16.46
N SER A 32 10.19 10.34 15.81
CA SER A 32 11.35 9.81 15.11
C SER A 32 12.03 10.92 14.30
N LEU A 33 11.23 11.92 13.94
CA LEU A 33 11.73 13.04 13.17
C LEU A 33 12.62 13.92 14.07
N TRP A 34 12.00 14.45 15.11
CA TRP A 34 12.71 15.30 16.06
C TRP A 34 12.79 14.57 17.39
N ASN A 35 11.62 14.23 17.91
CA ASN A 35 11.54 13.52 19.18
C ASN A 35 12.47 14.20 20.19
N GLY A 1 -11.54 -19.96 -7.69
CA GLY A 1 -10.50 -20.38 -6.75
C GLY A 1 -9.92 -19.18 -5.99
N ILE A 2 -9.02 -18.48 -6.66
CA ILE A 2 -8.39 -17.31 -6.06
C ILE A 2 -8.34 -16.18 -7.09
N GLY A 3 -8.12 -14.97 -6.59
CA GLY A 3 -8.05 -13.81 -7.45
C GLY A 3 -6.82 -12.95 -7.11
N ALA A 4 -5.68 -13.62 -7.10
CA ALA A 4 -4.43 -12.93 -6.79
C ALA A 4 -4.27 -11.73 -7.73
N PHE A 5 -4.72 -11.93 -8.96
CA PHE A 5 -4.62 -10.87 -9.96
C PHE A 5 -5.43 -9.64 -9.55
N GLY A 6 -6.70 -9.90 -9.23
CA GLY A 6 -7.59 -8.82 -8.82
C GLY A 6 -7.10 -8.16 -7.53
N LEU A 7 -6.30 -8.91 -6.79
CA LEU A 7 -5.75 -8.42 -5.54
C LEU A 7 -4.58 -7.47 -5.83
N LEU A 8 -4.12 -7.54 -7.07
CA LEU A 8 -3.01 -6.70 -7.49
C LEU A 8 -3.47 -5.24 -7.56
N GLY A 9 -4.79 -5.07 -7.58
CA GLY A 9 -5.38 -3.74 -7.64
C GLY A 9 -5.81 -3.28 -6.24
N PHE A 10 -5.71 -4.19 -5.29
CA PHE A 10 -6.08 -3.89 -3.92
C PHE A 10 -5.00 -3.04 -3.23
N LEU A 11 -3.76 -3.48 -3.38
CA LEU A 11 -2.64 -2.78 -2.78
C LEU A 11 -2.36 -1.50 -3.57
N ALA A 12 -2.44 -1.62 -4.88
CA ALA A 12 -2.21 -0.49 -5.76
C ALA A 12 -3.08 0.69 -5.31
N ALA A 13 -4.23 0.35 -4.74
CA ALA A 13 -5.17 1.35 -4.27
C ALA A 13 -4.46 2.24 -3.23
N GLY A 14 -3.74 1.58 -2.34
CA GLY A 14 -3.02 2.28 -1.29
C GLY A 14 -2.05 3.31 -1.89
N SER A 15 -1.52 2.97 -3.05
CA SER A 15 -0.58 3.85 -3.73
C SER A 15 -1.30 5.11 -4.24
N LYS A 16 -2.61 4.98 -4.35
CA LYS A 16 -3.43 6.08 -4.82
C LYS A 16 -3.39 7.22 -3.79
N LYS A 17 -3.00 6.85 -2.57
CA LYS A 17 -2.91 7.82 -1.50
C LYS A 17 -1.50 8.43 -1.49
N LYS A 19 6.99 8.34 1.22
CA LYS A 19 8.24 7.60 1.08
C LYS A 19 8.85 7.40 2.46
N ASN A 20 9.74 8.31 2.82
CA ASN A 20 10.42 8.24 4.11
C ASN A 20 9.57 8.96 5.15
N GLU A 21 9.76 8.57 6.41
CA GLU A 21 9.03 9.17 7.51
C GLU A 21 9.25 10.69 7.53
N GLN A 22 10.33 11.10 6.86
CA GLN A 22 10.66 12.51 6.80
C GLN A 22 9.41 13.35 6.58
N GLU A 23 8.57 12.88 5.66
CA GLU A 23 7.33 13.57 5.36
C GLU A 23 6.35 13.47 6.52
N LEU A 24 6.33 12.30 7.13
CA LEU A 24 5.44 12.06 8.26
C LEU A 24 5.63 13.16 9.29
N LEU A 25 6.81 13.77 9.26
CA LEU A 25 7.12 14.84 10.18
C LEU A 25 6.80 16.19 9.52
N GLU A 26 5.81 16.16 8.65
CA GLU A 26 5.39 17.36 7.95
C GLU A 26 5.07 18.48 8.95
N LEU A 27 3.87 18.42 9.49
CA LEU A 27 3.44 19.41 10.47
C LEU A 27 4.26 19.25 11.75
N ASP A 28 4.77 18.05 11.95
CA ASP A 28 5.57 17.76 13.13
C ASP A 28 6.82 18.63 13.11
N LYS A 29 7.17 19.09 11.92
CA LYS A 29 8.35 19.92 11.75
C LYS A 29 8.04 21.34 12.22
N TRP A 30 6.80 21.52 12.66
CA TRP A 30 6.36 22.82 13.15
C TRP A 30 7.50 23.43 13.97
N ALA A 31 7.93 22.67 14.97
CA ALA A 31 9.01 23.12 15.83
C ALA A 31 10.24 23.46 14.99
N SER A 32 10.54 22.57 14.05
CA SER A 32 11.67 22.78 13.16
C SER A 32 11.77 24.24 12.76
N LEU A 33 10.62 24.90 12.73
CA LEU A 33 10.57 26.31 12.37
C LEU A 33 11.26 27.13 13.46
N TRP A 34 10.71 27.05 14.67
CA TRP A 34 11.26 27.78 15.79
C TRP A 34 11.82 26.77 16.78
N ASN A 35 10.94 25.88 17.23
CA ASN A 35 11.33 24.85 18.18
C ASN A 35 12.20 25.48 19.27
N GLY A 1 -14.59 -15.37 -3.82
CA GLY A 1 -13.80 -14.45 -4.63
C GLY A 1 -14.40 -13.04 -4.60
N ILE A 2 -13.52 -12.06 -4.70
CA ILE A 2 -13.95 -10.67 -4.68
C ILE A 2 -13.68 -10.04 -6.04
N GLY A 3 -12.39 -9.79 -6.29
CA GLY A 3 -11.99 -9.19 -7.55
C GLY A 3 -10.69 -9.82 -8.06
N ALA A 4 -10.74 -10.29 -9.30
CA ALA A 4 -9.58 -10.92 -9.92
C ALA A 4 -8.43 -9.91 -9.96
N PHE A 5 -8.62 -8.87 -10.76
CA PHE A 5 -7.61 -7.83 -10.91
C PHE A 5 -7.60 -6.91 -9.69
N GLY A 6 -8.47 -7.22 -8.74
CA GLY A 6 -8.57 -6.42 -7.53
C GLY A 6 -7.51 -6.85 -6.51
N LEU A 7 -6.94 -8.02 -6.75
CA LEU A 7 -5.93 -8.56 -5.86
C LEU A 7 -4.55 -8.22 -6.43
N LEU A 8 -4.48 -8.16 -7.75
CA LEU A 8 -3.22 -7.85 -8.42
C LEU A 8 -2.91 -6.37 -8.23
N GLY A 9 -3.87 -5.65 -7.66
CA GLY A 9 -3.70 -4.23 -7.42
C GLY A 9 -4.35 -3.82 -6.10
N PHE A 10 -4.34 -4.75 -5.16
CA PHE A 10 -4.93 -4.49 -3.85
C PHE A 10 -4.15 -3.41 -3.10
N LEU A 11 -2.83 -3.50 -3.19
CA LEU A 11 -1.96 -2.54 -2.54
C LEU A 11 -1.95 -1.24 -3.33
N ALA A 12 -1.84 -1.39 -4.65
CA ALA A 12 -1.82 -0.22 -5.52
C ALA A 12 -3.07 0.63 -5.28
N ALA A 13 -4.14 -0.06 -4.87
CA ALA A 13 -5.39 0.63 -4.60
C ALA A 13 -5.16 1.71 -3.56
N GLY A 14 -4.39 1.38 -2.54
CA GLY A 14 -4.08 2.32 -1.47
C GLY A 14 -3.22 3.47 -2.00
N SER A 15 -2.39 3.15 -2.98
CA SER A 15 -1.52 4.15 -3.57
C SER A 15 -2.29 4.99 -4.58
N LYS A 16 -3.58 4.71 -4.68
CA LYS A 16 -4.44 5.42 -5.60
C LYS A 16 -4.41 6.92 -5.26
N LYS A 17 -4.56 7.20 -3.97
CA LYS A 17 -4.54 8.57 -3.50
C LYS A 17 -3.24 8.84 -2.74
N LYS A 19 -3.16 6.37 5.78
CA LYS A 19 -4.22 6.61 6.74
C LYS A 19 -3.72 7.56 7.82
N ASN A 20 -3.42 6.99 8.98
CA ASN A 20 -2.92 7.78 10.10
C ASN A 20 -1.46 8.18 9.83
N GLU A 21 -1.02 9.17 10.58
CA GLU A 21 0.34 9.67 10.43
C GLU A 21 1.35 8.59 10.84
N GLN A 22 0.88 7.67 11.68
CA GLN A 22 1.73 6.59 12.16
C GLN A 22 2.54 6.01 11.00
N GLU A 23 1.87 5.84 9.87
CA GLU A 23 2.52 5.30 8.69
C GLU A 23 3.64 6.23 8.22
N LEU A 24 3.34 7.53 8.25
CA LEU A 24 4.30 8.53 7.83
C LEU A 24 5.59 8.37 8.65
N LEU A 25 5.41 8.05 9.93
CA LEU A 25 6.55 7.86 10.81
C LEU A 25 7.20 6.51 10.52
N GLU A 26 6.39 5.60 10.01
CA GLU A 26 6.88 4.26 9.69
C GLU A 26 7.96 4.34 8.60
N LEU A 27 7.73 5.23 7.65
CA LEU A 27 8.67 5.42 6.56
C LEU A 27 9.85 6.25 7.05
N ASP A 28 9.58 7.09 8.05
CA ASP A 28 10.62 7.94 8.62
C ASP A 28 11.70 7.07 9.24
N LYS A 29 11.33 5.83 9.52
CA LYS A 29 12.27 4.89 10.12
C LYS A 29 13.20 4.35 9.04
N TRP A 30 12.98 4.81 7.82
CA TRP A 30 13.78 4.39 6.69
C TRP A 30 15.24 4.34 7.15
N ALA A 31 15.72 5.48 7.60
CA ALA A 31 17.10 5.58 8.08
C ALA A 31 17.31 4.60 9.23
N SER A 32 16.29 4.49 10.07
CA SER A 32 16.34 3.59 11.21
C SER A 32 16.91 2.23 10.78
N LEU A 33 16.75 1.95 9.50
CA LEU A 33 17.24 0.68 8.95
C LEU A 33 18.77 0.73 8.86
N TRP A 34 19.25 1.68 8.08
CA TRP A 34 20.68 1.84 7.91
C TRP A 34 21.09 3.17 8.53
N ASN A 35 20.46 4.24 8.05
CA ASN A 35 20.75 5.57 8.55
C ASN A 35 22.27 5.75 8.66
N GLY A 1 -12.94 -17.15 -1.33
CA GLY A 1 -13.34 -16.93 -2.70
C GLY A 1 -12.65 -15.69 -3.29
N ILE A 2 -11.41 -15.49 -2.86
CA ILE A 2 -10.64 -14.34 -3.32
C ILE A 2 -10.67 -14.30 -4.85
N GLY A 3 -10.04 -13.27 -5.39
CA GLY A 3 -10.00 -13.09 -6.84
C GLY A 3 -8.63 -12.59 -7.29
N ALA A 4 -8.02 -13.33 -8.20
CA ALA A 4 -6.72 -12.97 -8.70
C ALA A 4 -6.80 -11.62 -9.42
N PHE A 5 -8.01 -11.30 -9.87
CA PHE A 5 -8.25 -10.05 -10.56
C PHE A 5 -8.44 -8.90 -9.57
N GLY A 6 -8.45 -9.26 -8.29
CA GLY A 6 -8.62 -8.26 -7.24
C GLY A 6 -7.27 -7.88 -6.64
N LEU A 7 -6.41 -8.88 -6.47
CA LEU A 7 -5.10 -8.64 -5.92
C LEU A 7 -4.20 -8.00 -6.98
N LEU A 8 -4.77 -7.85 -8.17
CA LEU A 8 -4.03 -7.26 -9.27
C LEU A 8 -3.32 -6.00 -8.78
N GLY A 9 -3.94 -5.34 -7.82
CA GLY A 9 -3.37 -4.11 -7.27
C GLY A 9 -4.24 -3.58 -6.12
N PHE A 10 -4.70 -4.51 -5.29
CA PHE A 10 -5.54 -4.15 -4.16
C PHE A 10 -4.88 -3.07 -3.31
N LEU A 11 -3.62 -3.31 -2.97
CA LEU A 11 -2.86 -2.37 -2.17
C LEU A 11 -2.54 -1.12 -3.00
N ALA A 12 -2.19 -1.37 -4.25
CA ALA A 12 -1.85 -0.29 -5.17
C ALA A 12 -2.96 0.77 -5.11
N ALA A 13 -4.16 0.31 -4.79
CA ALA A 13 -5.30 1.20 -4.70
C ALA A 13 -4.98 2.35 -3.73
N GLY A 14 -4.37 1.98 -2.61
CA GLY A 14 -4.01 2.95 -1.59
C GLY A 14 -2.80 3.79 -2.05
N SER A 15 -1.86 3.11 -2.68
CA SER A 15 -0.66 3.79 -3.16
C SER A 15 -0.95 4.45 -4.50
N LYS A 16 -2.20 4.38 -4.92
CA LYS A 16 -2.62 4.98 -6.17
C LYS A 16 -2.24 6.45 -6.19
N LYS A 17 -2.03 6.99 -4.99
CA LYS A 17 -1.66 8.39 -4.85
C LYS A 17 -0.28 8.48 -4.19
N LYS A 19 2.49 13.24 0.49
CA LYS A 19 1.18 13.84 0.37
C LYS A 19 1.33 15.33 0.06
N ASN A 20 1.19 16.13 1.10
CA ASN A 20 1.32 17.57 0.96
C ASN A 20 2.39 18.09 1.91
N GLU A 21 2.00 18.23 3.18
CA GLU A 21 2.91 18.71 4.20
C GLU A 21 3.86 17.59 4.64
N GLN A 22 3.30 16.39 4.68
CA GLN A 22 4.08 15.23 5.08
C GLN A 22 5.50 15.31 4.51
N GLU A 23 5.56 15.42 3.19
CA GLU A 23 6.83 15.51 2.50
C GLU A 23 7.67 16.65 3.08
N LEU A 24 6.98 17.76 3.37
CA LEU A 24 7.65 18.92 3.93
C LEU A 24 8.33 18.54 5.23
N LEU A 25 7.66 17.66 5.98
CA LEU A 25 8.19 17.21 7.26
C LEU A 25 8.97 15.91 7.05
N GLU A 26 9.39 15.71 5.80
CA GLU A 26 10.14 14.50 5.46
C GLU A 26 11.57 14.60 6.03
N LEU A 27 12.14 15.80 5.91
CA LEU A 27 13.48 16.03 6.40
C LEU A 27 13.44 16.29 7.90
N ASP A 28 12.30 16.80 8.35
CA ASP A 28 12.12 17.10 9.76
C ASP A 28 12.23 15.80 10.56
N LYS A 29 12.04 14.69 9.87
CA LYS A 29 12.12 13.39 10.52
C LYS A 29 13.58 13.01 10.71
N TRP A 30 14.46 13.91 10.30
CA TRP A 30 15.89 13.68 10.44
C TRP A 30 16.16 13.14 11.84
N ALA A 31 15.64 13.85 12.83
CA ALA A 31 15.81 13.45 14.21
C ALA A 31 15.05 12.14 14.46
N SER A 32 13.98 11.98 13.70
CA SER A 32 13.15 10.78 13.83
C SER A 32 14.04 9.54 13.93
N LEU A 33 15.21 9.64 13.32
CA LEU A 33 16.16 8.54 13.34
C LEU A 33 17.12 8.72 14.52
N TRP A 34 17.42 9.98 14.81
CA TRP A 34 18.33 10.30 15.89
C TRP A 34 18.00 9.37 17.06
N ASN A 35 16.73 9.02 17.17
CA ASN A 35 16.27 8.14 18.23
C ASN A 35 16.42 6.68 17.79
#